data_6JPH
#
_entry.id   6JPH
#
_cell.length_a   261.923
_cell.length_b   261.923
_cell.length_c   58.292
_cell.angle_alpha   90.000
_cell.angle_beta   90.000
_cell.angle_gamma   120.000
#
_symmetry.space_group_name_H-M   'P 3 2 1'
#
loop_
_entity.id
_entity.type
_entity.pdbx_description
1 polymer 'Alginate lyase'
2 branched 'beta-D-mannopyranuronic acid-(1-4)-beta-D-mannopyranuronic acid-(1-4)-beta-D-mannopyranuronic acid'
3 non-polymer 'MANGANESE (II) ION'
4 non-polymer 'CALCIUM ION'
5 non-polymer 'ACETATE ION'
6 non-polymer 'MAGNESIUM ION'
7 water water
#
_entity_poly.entity_id   1
_entity_poly.type   'polypeptide(L)'
_entity_poly.pdbx_seq_one_letter_code
;LANYETYDGFKVSEEPVLPEKEVHPSLWFTKSDIQKIKEKKNEDSFTAELWEEISNSPYLTMEIPTDIPSATDSDTDIHK
YYGNMSRIAKYNAFMYLMTGKSEYRLRATEALKRAFDGPIYEMDPTVSGSGVDEIYRAVWAQNFATAYDWIQPYLSDEDD
EIIRERLAKEAQVVYENLYTWGPRPHNHLSKPAWGLGTLALTLSDHPDASKWLNRALEAANTNTLYFFNKDGHYREGAHY
YVYSLVNLIPFLYHYKNVSGVNYFPEYKNIFEWAVKIRNGRGWMPNVEDSWIKPAPTHMVASQYKDTDTDLHSTAKLANI
LQWSYFNTDFRPWEPDGSYTGASYDDTWDIDQYLTYDSTIEQIKPDVSGTVFMNNSGQTVFRSDWNFNNPNSRYLLFQGV
AEADNHYHYDHLSFIIHAENQMMASDSGYSRNSYGEGIRTSWYLTAEAHNVITANGEHPKDVSENTTPVSRYDMDTDFFD
FQEKEAVYDGFTFPEKNSYDFSGKQIRAIGFPRQDYFVVADQLFSDKEVQYDLYLHGGRGEMSGEGNYRLWTYEDDRYGQ
EAKMAAWVFPSKESIFIDKEGEVNYEAGAFNSYGYLNARQIAKDTMFMQIIVPLSKYADIPEVVDLSTDDVVGGTVVKDN
EKDTFMQQLNNAENSLGDITTDATFAYTNENSNNELQHFSVRQGTSLDYKGENIFVSNKPITFALDISDETQYKGTIAAL
NETVELRVKNPVGVPTESVVVNGENIEFSVEDGYTVIQVAEGGDININFGEG
;
_entity_poly.pdbx_strand_id   A
#
loop_
_chem_comp.id
_chem_comp.type
_chem_comp.name
_chem_comp.formula
ACT non-polymer 'ACETATE ION' 'C2 H3 O2 -1'
BEM D-saccharide, beta linking 'beta-D-mannopyranuronic acid' 'C6 H10 O7'
CA non-polymer 'CALCIUM ION' 'Ca 2'
MG non-polymer 'MAGNESIUM ION' 'Mg 2'
MN non-polymer 'MANGANESE (II) ION' 'Mn 2'
#
# COMPACT_ATOMS: atom_id res chain seq x y z
N ALA A 2 1.74 18.74 15.73
CA ALA A 2 2.22 17.44 15.17
C ALA A 2 3.75 17.41 15.17
N ASN A 3 4.33 16.34 15.71
CA ASN A 3 5.80 16.12 15.83
C ASN A 3 6.30 15.40 14.57
N TYR A 4 7.15 16.04 13.77
CA TYR A 4 7.52 15.61 12.40
C TYR A 4 8.83 14.81 12.39
N GLU A 5 9.40 14.53 13.57
CA GLU A 5 10.77 13.98 13.71
C GLU A 5 10.75 12.60 14.37
N THR A 6 9.61 12.13 14.87
CA THR A 6 9.55 10.95 15.78
C THR A 6 9.01 9.71 15.05
N TYR A 7 8.64 9.80 13.76
CA TYR A 7 8.24 8.61 12.96
C TYR A 7 9.49 7.93 12.42
N ASP A 8 9.44 6.60 12.28
CA ASP A 8 10.60 5.77 11.83
C ASP A 8 10.61 5.75 10.30
N GLY A 9 10.91 6.90 9.69
CA GLY A 9 11.11 7.06 8.24
C GLY A 9 12.57 6.89 7.87
N PHE A 10 13.01 7.53 6.79
CA PHE A 10 14.40 7.46 6.27
C PHE A 10 14.78 8.80 5.63
N LYS A 11 16.08 9.10 5.62
CA LYS A 11 16.66 10.32 5.00
C LYS A 11 17.94 9.94 4.27
N VAL A 12 18.40 10.79 3.34
CA VAL A 12 19.66 10.61 2.57
C VAL A 12 20.58 11.81 2.86
N SER A 13 21.82 11.78 2.37
CA SER A 13 22.81 12.88 2.56
C SER A 13 22.23 14.18 1.99
N GLU A 14 22.42 15.29 2.71
CA GLU A 14 21.96 16.64 2.29
C GLU A 14 23.13 17.40 1.63
N GLU A 15 24.33 16.81 1.61
CA GLU A 15 25.57 17.39 1.04
C GLU A 15 25.41 17.58 -0.47
N PRO A 16 25.49 18.84 -0.97
CA PRO A 16 25.26 19.11 -2.39
C PRO A 16 26.51 18.76 -3.24
N VAL A 17 26.40 17.72 -4.06
CA VAL A 17 27.48 17.26 -4.97
C VAL A 17 27.13 17.73 -6.39
N LEU A 18 27.98 18.55 -6.99
CA LEU A 18 27.82 19.05 -8.38
C LEU A 18 29.04 18.63 -9.21
N PRO A 19 28.90 18.51 -10.54
CA PRO A 19 30.05 18.26 -11.41
C PRO A 19 30.90 19.54 -11.55
N GLU A 20 32.15 19.39 -11.99
CA GLU A 20 33.13 20.49 -12.19
C GLU A 20 32.59 21.49 -13.22
N LYS A 21 31.85 21.01 -14.22
CA LYS A 21 31.40 21.81 -15.39
C LYS A 21 30.07 21.23 -15.92
N GLU A 22 29.10 22.12 -16.21
CA GLU A 22 27.80 21.76 -16.85
C GLU A 22 28.04 21.00 -18.16
N VAL A 23 27.44 19.81 -18.26
CA VAL A 23 27.32 19.04 -19.53
C VAL A 23 25.83 19.06 -19.92
N HIS A 24 25.53 19.29 -21.19
CA HIS A 24 24.15 19.29 -21.75
C HIS A 24 24.19 18.60 -23.11
N PRO A 25 23.40 17.53 -23.35
CA PRO A 25 22.54 16.92 -22.32
C PRO A 25 23.32 16.11 -21.26
N SER A 26 22.69 15.88 -20.10
CA SER A 26 23.22 15.01 -19.00
C SER A 26 22.14 14.57 -17.99
N LEU A 27 20.98 15.25 -17.89
CA LEU A 27 19.91 14.92 -16.90
C LEU A 27 19.48 13.46 -17.05
N TRP A 28 19.04 13.07 -18.26
CA TRP A 28 18.53 11.70 -18.58
C TRP A 28 19.59 10.87 -19.31
N PHE A 29 20.45 11.52 -20.11
CA PHE A 29 21.41 10.88 -21.06
C PHE A 29 22.39 11.94 -21.58
N THR A 30 23.54 11.51 -22.13
CA THR A 30 24.57 12.40 -22.76
C THR A 30 24.45 12.32 -24.30
N LYS A 31 25.23 13.15 -24.99
CA LYS A 31 25.24 13.27 -26.48
C LYS A 31 25.33 11.88 -27.12
N SER A 32 26.32 11.08 -26.72
CA SER A 32 26.62 9.73 -27.31
C SER A 32 25.35 8.86 -27.40
N ASP A 33 24.45 8.94 -26.42
CA ASP A 33 23.29 8.02 -26.26
C ASP A 33 22.20 8.29 -27.30
N ILE A 34 22.16 9.50 -27.88
CA ILE A 34 20.97 10.05 -28.60
C ILE A 34 20.52 9.12 -29.74
N GLN A 35 21.45 8.46 -30.44
CA GLN A 35 21.09 7.60 -31.59
C GLN A 35 20.47 6.31 -31.02
N LYS A 36 20.98 5.80 -29.91
CA LYS A 36 20.43 4.60 -29.22
C LYS A 36 18.97 4.88 -28.80
N ILE A 37 18.73 6.06 -28.22
CA ILE A 37 17.40 6.51 -27.71
C ILE A 37 16.44 6.70 -28.90
N LYS A 38 16.96 7.17 -30.05
CA LYS A 38 16.20 7.31 -31.32
C LYS A 38 15.78 5.92 -31.81
N GLU A 39 16.69 4.93 -31.69
CA GLU A 39 16.50 3.54 -32.14
C GLU A 39 15.51 2.80 -31.20
N LYS A 40 15.49 3.18 -29.92
CA LYS A 40 14.75 2.49 -28.82
C LYS A 40 13.31 2.15 -29.23
N LYS A 41 12.69 2.99 -30.05
CA LYS A 41 11.28 2.86 -30.51
C LYS A 41 11.01 1.52 -31.22
N ASN A 42 12.04 0.75 -31.57
CA ASN A 42 11.90 -0.49 -32.39
C ASN A 42 12.07 -1.73 -31.51
N GLU A 43 12.47 -1.57 -30.24
CA GLU A 43 12.85 -2.69 -29.32
C GLU A 43 11.67 -3.65 -29.11
N ASP A 44 10.47 -3.15 -28.78
CA ASP A 44 9.25 -3.98 -28.58
C ASP A 44 8.00 -3.10 -28.73
N SER A 45 6.81 -3.71 -28.60
CA SER A 45 5.50 -3.09 -28.87
C SER A 45 5.22 -1.95 -27.88
N PHE A 46 5.84 -1.96 -26.69
CA PHE A 46 5.68 -0.92 -25.64
C PHE A 46 6.42 0.36 -26.06
N THR A 47 7.70 0.27 -26.44
CA THR A 47 8.51 1.42 -26.92
C THR A 47 7.87 2.01 -28.19
N ALA A 48 7.31 1.15 -29.04
CA ALA A 48 6.60 1.51 -30.29
C ALA A 48 5.38 2.38 -29.97
N GLU A 49 4.49 1.89 -29.09
CA GLU A 49 3.29 2.64 -28.61
C GLU A 49 3.73 3.94 -27.94
N LEU A 50 4.81 3.93 -27.17
CA LEU A 50 5.34 5.14 -26.47
C LEU A 50 5.79 6.16 -27.51
N TRP A 51 6.52 5.70 -28.53
CA TRP A 51 6.99 6.57 -29.65
C TRP A 51 5.78 7.15 -30.38
N GLU A 52 4.79 6.31 -30.72
CA GLU A 52 3.53 6.69 -31.42
C GLU A 52 2.86 7.85 -30.68
N GLU A 53 2.82 7.79 -29.34
CA GLU A 53 2.23 8.84 -28.46
C GLU A 53 3.09 10.11 -28.53
N ILE A 54 4.39 10.00 -28.26
CA ILE A 54 5.32 11.16 -28.13
C ILE A 54 5.36 11.95 -29.45
N SER A 55 5.45 11.25 -30.58
CA SER A 55 5.71 11.84 -31.93
C SER A 55 4.41 12.37 -32.56
N ASN A 56 3.24 12.08 -31.98
CA ASN A 56 1.93 12.64 -32.44
C ASN A 56 1.36 13.57 -31.36
N SER A 57 2.19 14.00 -30.40
CA SER A 57 1.79 14.94 -29.31
C SER A 57 1.28 16.23 -29.94
N PRO A 58 0.06 16.70 -29.55
CA PRO A 58 -0.45 17.98 -30.03
C PRO A 58 0.43 19.17 -29.59
N TYR A 59 1.40 18.95 -28.69
CA TYR A 59 2.34 19.99 -28.19
C TYR A 59 3.45 20.24 -29.22
N LEU A 60 3.51 19.42 -30.26
CA LEU A 60 4.42 19.62 -31.43
C LEU A 60 3.75 20.60 -32.41
N THR A 61 2.44 20.45 -32.66
CA THR A 61 1.70 21.20 -33.71
C THR A 61 0.98 22.42 -33.12
N MET A 62 0.37 22.31 -31.92
CA MET A 62 -0.50 23.39 -31.34
C MET A 62 0.25 24.73 -31.37
N GLU A 63 -0.50 25.83 -31.57
CA GLU A 63 0.03 27.21 -31.64
C GLU A 63 0.49 27.63 -30.25
N ILE A 64 1.78 27.96 -30.09
CA ILE A 64 2.32 28.65 -28.88
C ILE A 64 1.41 29.86 -28.64
N PRO A 65 0.71 29.94 -27.48
CA PRO A 65 -0.28 30.99 -27.26
C PRO A 65 0.37 32.38 -27.10
N THR A 66 -0.06 33.36 -27.90
CA THR A 66 0.41 34.78 -27.82
C THR A 66 -0.32 35.48 -26.68
N ASP A 67 -1.47 34.94 -26.25
CA ASP A 67 -2.33 35.48 -25.17
C ASP A 67 -1.79 35.05 -23.80
N ILE A 68 -0.88 35.84 -23.22
CA ILE A 68 -0.41 35.72 -21.81
C ILE A 68 -1.63 36.01 -20.92
N PRO A 69 -1.97 35.15 -19.93
CA PRO A 69 -3.06 35.45 -19.00
C PRO A 69 -2.64 36.46 -17.92
N SER A 70 -3.60 37.25 -17.42
CA SER A 70 -3.42 38.28 -16.35
C SER A 70 -3.81 37.68 -14.99
N ALA A 71 -3.31 38.28 -13.90
CA ALA A 71 -3.42 37.78 -12.50
C ALA A 71 -4.88 37.42 -12.15
N THR A 72 -5.85 38.11 -12.75
CA THR A 72 -7.30 38.05 -12.40
C THR A 72 -8.05 37.06 -13.31
N ASP A 73 -7.34 36.29 -14.15
CA ASP A 73 -7.94 35.14 -14.90
C ASP A 73 -8.21 34.02 -13.89
N SER A 74 -8.92 32.97 -14.32
CA SER A 74 -9.31 31.79 -13.48
C SER A 74 -8.07 30.95 -13.16
N ASP A 75 -8.12 30.17 -12.07
CA ASP A 75 -6.97 29.37 -11.56
C ASP A 75 -6.71 28.17 -12.49
N THR A 76 -7.72 27.72 -13.22
CA THR A 76 -7.62 26.61 -14.21
C THR A 76 -6.79 27.09 -15.43
N ASP A 77 -7.12 28.26 -15.97
CA ASP A 77 -6.50 28.79 -17.21
C ASP A 77 -5.03 29.11 -16.93
N ILE A 78 -4.72 29.76 -15.79
CA ILE A 78 -3.33 30.10 -15.38
C ILE A 78 -2.50 28.82 -15.29
N HIS A 79 -3.08 27.77 -14.70
CA HIS A 79 -2.48 26.43 -14.54
C HIS A 79 -2.13 25.87 -15.92
N LYS A 80 -3.12 25.81 -16.82
CA LYS A 80 -3.00 25.19 -18.17
C LYS A 80 -2.00 25.96 -19.06
N TYR A 81 -1.97 27.30 -18.96
CA TYR A 81 -0.97 28.15 -19.67
C TYR A 81 0.42 27.60 -19.36
N TYR A 82 0.87 27.70 -18.10
CA TYR A 82 2.23 27.27 -17.66
C TYR A 82 2.44 25.77 -17.91
N GLY A 83 1.41 24.96 -17.67
CA GLY A 83 1.40 23.52 -18.00
C GLY A 83 1.74 23.30 -19.47
N ASN A 84 1.02 23.99 -20.36
CA ASN A 84 1.19 23.88 -21.84
C ASN A 84 2.57 24.41 -22.27
N MET A 85 2.97 25.58 -21.76
CA MET A 85 4.28 26.21 -22.10
C MET A 85 5.42 25.26 -21.74
N SER A 86 5.41 24.70 -20.53
CA SER A 86 6.40 23.70 -20.05
C SER A 86 6.38 22.48 -20.98
N ARG A 87 5.20 22.05 -21.42
CA ARG A 87 5.03 20.84 -22.26
C ARG A 87 5.59 21.11 -23.67
N ILE A 88 5.25 22.25 -24.27
CA ILE A 88 5.77 22.67 -25.60
C ILE A 88 7.30 22.59 -25.57
N ALA A 89 7.93 23.23 -24.58
CA ALA A 89 9.40 23.27 -24.42
C ALA A 89 9.99 21.85 -24.43
N LYS A 90 9.46 20.94 -23.63
CA LYS A 90 10.05 19.59 -23.41
C LYS A 90 9.77 18.72 -24.64
N TYR A 91 8.51 18.61 -25.07
CA TYR A 91 8.12 17.74 -26.22
C TYR A 91 8.91 18.14 -27.47
N ASN A 92 9.11 19.44 -27.69
CA ASN A 92 9.77 19.98 -28.91
C ASN A 92 11.29 19.79 -28.79
N ALA A 93 11.88 20.09 -27.63
CA ALA A 93 13.32 19.88 -27.35
C ALA A 93 13.69 18.40 -27.57
N PHE A 94 12.77 17.48 -27.27
CA PHE A 94 12.98 16.02 -27.41
C PHE A 94 12.96 15.64 -28.90
N MET A 95 11.87 16.01 -29.58
CA MET A 95 11.64 15.67 -31.01
C MET A 95 12.67 16.36 -31.91
N TYR A 96 13.33 17.44 -31.45
CA TYR A 96 14.50 18.02 -32.15
C TYR A 96 15.66 17.01 -32.08
N LEU A 97 15.97 16.51 -30.89
CA LEU A 97 17.05 15.52 -30.67
C LEU A 97 16.75 14.25 -31.48
N MET A 98 15.48 13.87 -31.59
CA MET A 98 15.07 12.58 -32.21
C MET A 98 15.01 12.71 -33.74
N THR A 99 14.68 13.88 -34.29
CA THR A 99 14.44 14.09 -35.75
C THR A 99 15.36 15.16 -36.34
N GLY A 100 15.78 16.16 -35.55
CA GLY A 100 16.60 17.29 -36.02
C GLY A 100 15.78 18.36 -36.72
N LYS A 101 14.46 18.16 -36.88
CA LYS A 101 13.57 19.10 -37.61
C LYS A 101 13.72 20.52 -37.03
N SER A 102 13.97 21.49 -37.90
CA SER A 102 14.27 22.91 -37.59
C SER A 102 13.18 23.48 -36.67
N GLU A 103 11.92 23.27 -37.06
CA GLU A 103 10.71 23.81 -36.39
C GLU A 103 10.77 23.53 -34.88
N TYR A 104 11.08 22.28 -34.50
CA TYR A 104 11.10 21.81 -33.10
C TYR A 104 12.08 22.67 -32.27
N ARG A 105 13.31 22.90 -32.75
CA ARG A 105 14.32 23.70 -31.99
C ARG A 105 13.79 25.12 -31.78
N LEU A 106 13.15 25.71 -32.79
CA LEU A 106 12.66 27.11 -32.75
C LEU A 106 11.53 27.21 -31.71
N ARG A 107 10.58 26.26 -31.72
CA ARG A 107 9.43 26.20 -30.77
C ARG A 107 9.96 26.07 -29.34
N ALA A 108 10.67 24.99 -29.04
CA ALA A 108 11.37 24.74 -27.76
C ALA A 108 12.06 26.03 -27.28
N THR A 109 12.73 26.75 -28.18
CA THR A 109 13.54 27.96 -27.85
C THR A 109 12.61 29.12 -27.47
N GLU A 110 11.48 29.30 -28.17
CA GLU A 110 10.54 30.41 -27.90
C GLU A 110 9.82 30.17 -26.58
N ALA A 111 9.36 28.94 -26.36
CA ALA A 111 8.67 28.47 -25.13
C ALA A 111 9.57 28.69 -23.90
N LEU A 112 10.86 28.33 -24.01
CA LEU A 112 11.89 28.50 -22.93
C LEU A 112 12.17 29.99 -22.68
N LYS A 113 12.09 30.82 -23.71
CA LYS A 113 12.34 32.29 -23.59
C LYS A 113 11.14 32.94 -22.88
N ARG A 114 9.97 32.29 -22.90
CA ARG A 114 8.73 32.75 -22.22
C ARG A 114 8.41 31.84 -21.03
N ALA A 115 9.41 31.18 -20.43
CA ALA A 115 9.25 30.29 -19.26
C ALA A 115 9.02 31.14 -18.01
N PHE A 116 7.82 31.06 -17.43
CA PHE A 116 7.41 31.76 -16.18
C PHE A 116 7.20 33.26 -16.46
N ASP A 117 6.82 33.60 -17.70
CA ASP A 117 6.34 34.96 -18.07
C ASP A 117 4.89 35.09 -17.56
N GLY A 118 4.32 36.30 -17.63
CA GLY A 118 2.95 36.56 -17.17
C GLY A 118 2.87 36.70 -15.65
N PRO A 119 1.73 36.34 -15.02
CA PRO A 119 1.44 36.78 -13.66
C PRO A 119 2.00 35.95 -12.49
N ILE A 120 2.66 34.82 -12.76
CA ILE A 120 3.03 33.79 -11.75
C ILE A 120 3.63 34.46 -10.50
N TYR A 121 4.58 35.39 -10.65
CA TYR A 121 5.39 35.97 -9.55
C TYR A 121 4.60 37.08 -8.84
N GLU A 122 3.53 37.58 -9.48
CA GLU A 122 2.58 38.56 -8.88
C GLU A 122 1.66 37.82 -7.90
N MET A 123 1.32 36.55 -8.21
CA MET A 123 0.29 35.75 -7.49
C MET A 123 0.87 35.15 -6.21
N ASP A 124 -0.01 34.56 -5.39
CA ASP A 124 0.31 33.97 -4.05
C ASP A 124 -0.03 32.48 -4.09
N PRO A 125 0.96 31.57 -4.02
CA PRO A 125 0.70 30.13 -3.95
C PRO A 125 0.10 29.60 -2.64
N THR A 126 0.22 30.34 -1.54
CA THR A 126 -0.35 29.95 -0.21
C THR A 126 -1.89 30.02 -0.31
N VAL A 127 -2.44 30.84 -1.20
CA VAL A 127 -3.91 30.93 -1.48
C VAL A 127 -4.39 29.54 -1.92
N SER A 128 -5.52 29.10 -1.37
CA SER A 128 -6.18 27.80 -1.69
C SER A 128 -6.54 27.79 -3.18
N GLY A 129 -6.21 26.69 -3.89
CA GLY A 129 -6.55 26.44 -5.30
C GLY A 129 -5.72 27.27 -6.27
N SER A 130 -4.60 27.85 -5.82
CA SER A 130 -3.72 28.74 -6.65
C SER A 130 -3.39 28.05 -7.98
N GLY A 131 -3.49 28.79 -9.09
CA GLY A 131 -3.15 28.32 -10.44
C GLY A 131 -1.66 28.09 -10.60
N VAL A 132 -0.85 28.64 -9.68
CA VAL A 132 0.63 28.48 -9.65
C VAL A 132 1.04 27.85 -8.30
N ASP A 133 0.27 26.84 -7.85
CA ASP A 133 0.54 26.08 -6.60
C ASP A 133 1.88 25.35 -6.78
N GLU A 134 2.66 25.27 -5.69
CA GLU A 134 4.01 24.65 -5.62
C GLU A 134 4.02 23.23 -6.19
N ILE A 135 2.88 22.51 -6.16
CA ILE A 135 2.77 21.10 -6.64
C ILE A 135 2.73 21.06 -8.17
N TYR A 136 2.35 22.16 -8.82
CA TYR A 136 2.26 22.30 -10.30
C TYR A 136 3.59 22.81 -10.88
N ARG A 137 4.21 23.81 -10.24
CA ARG A 137 5.44 24.49 -10.72
C ARG A 137 6.68 23.65 -10.37
N ALA A 138 6.49 22.54 -9.65
CA ALA A 138 7.50 21.47 -9.49
C ALA A 138 7.69 20.79 -10.85
N VAL A 139 6.58 20.39 -11.48
CA VAL A 139 6.55 19.69 -12.79
C VAL A 139 7.03 20.66 -13.88
N TRP A 140 6.54 21.90 -13.85
CA TRP A 140 6.93 22.96 -14.82
C TRP A 140 8.46 23.10 -14.80
N ALA A 141 9.03 23.31 -13.61
CA ALA A 141 10.48 23.51 -13.39
C ALA A 141 11.29 22.35 -14.00
N GLN A 142 10.81 21.12 -13.85
CA GLN A 142 11.51 19.91 -14.35
C GLN A 142 11.34 19.84 -15.87
N ASN A 143 10.16 20.18 -16.38
CA ASN A 143 9.84 20.22 -17.83
C ASN A 143 10.76 21.24 -18.53
N PHE A 144 10.87 22.45 -18.00
CA PHE A 144 11.68 23.57 -18.59
C PHE A 144 13.17 23.25 -18.46
N ALA A 145 13.62 22.76 -17.30
CA ALA A 145 15.03 22.42 -17.02
C ALA A 145 15.50 21.34 -17.98
N THR A 146 14.66 20.32 -18.23
CA THR A 146 14.93 19.19 -19.15
C THR A 146 14.98 19.71 -20.58
N ALA A 147 14.03 20.57 -20.96
CA ALA A 147 13.95 21.18 -22.32
C ALA A 147 15.25 21.95 -22.60
N TYR A 148 15.73 22.71 -21.61
CA TYR A 148 16.98 23.51 -21.68
C TYR A 148 18.18 22.57 -21.83
N ASP A 149 18.36 21.65 -20.88
CA ASP A 149 19.42 20.60 -20.89
C ASP A 149 19.52 19.96 -22.27
N TRP A 150 18.39 19.76 -22.95
CA TRP A 150 18.30 19.08 -24.27
C TRP A 150 18.68 20.04 -25.41
N ILE A 151 18.23 21.30 -25.36
CA ILE A 151 18.35 22.29 -26.49
C ILE A 151 19.54 23.21 -26.29
N GLN A 152 20.15 23.27 -25.09
CA GLN A 152 21.20 24.26 -24.73
C GLN A 152 22.31 24.30 -25.78
N PRO A 153 22.88 23.14 -26.23
CA PRO A 153 23.99 23.16 -27.17
C PRO A 153 23.69 24.03 -28.39
N TYR A 154 22.44 23.95 -28.91
CA TYR A 154 21.98 24.52 -30.20
C TYR A 154 21.45 25.96 -30.05
N LEU A 155 21.58 26.56 -28.86
CA LEU A 155 21.11 27.95 -28.58
C LEU A 155 22.20 28.92 -29.02
N SER A 156 21.83 30.16 -29.32
CA SER A 156 22.78 31.31 -29.45
C SER A 156 23.31 31.68 -28.06
N ASP A 157 24.43 32.40 -27.98
CA ASP A 157 25.02 32.88 -26.71
C ASP A 157 24.02 33.81 -26.01
N GLU A 158 23.23 34.55 -26.79
CA GLU A 158 22.22 35.51 -26.29
C GLU A 158 21.07 34.73 -25.63
N ASP A 159 20.43 33.83 -26.38
CA ASP A 159 19.29 32.98 -25.95
C ASP A 159 19.65 32.17 -24.69
N ASP A 160 20.85 31.59 -24.66
CA ASP A 160 21.34 30.77 -23.52
C ASP A 160 21.29 31.63 -22.25
N GLU A 161 21.78 32.87 -22.32
CA GLU A 161 21.84 33.79 -21.14
C GLU A 161 20.43 34.28 -20.76
N ILE A 162 19.51 34.43 -21.72
CA ILE A 162 18.09 34.81 -21.47
C ILE A 162 17.39 33.68 -20.72
N ILE A 163 17.44 32.46 -21.26
CA ILE A 163 16.72 31.26 -20.71
C ILE A 163 17.33 30.89 -19.35
N ARG A 164 18.66 31.01 -19.19
CA ARG A 164 19.36 30.74 -17.90
C ARG A 164 18.90 31.72 -16.82
N GLU A 165 18.61 32.97 -17.18
CA GLU A 165 18.17 34.03 -16.25
C GLU A 165 16.74 33.72 -15.77
N ARG A 166 15.90 33.12 -16.63
CA ARG A 166 14.49 32.76 -16.31
C ARG A 166 14.45 31.57 -15.35
N LEU A 167 15.16 30.48 -15.70
CA LEU A 167 15.24 29.24 -14.89
C LEU A 167 15.84 29.60 -13.51
N ALA A 168 16.92 30.38 -13.49
CA ALA A 168 17.66 30.77 -12.27
C ALA A 168 16.75 31.60 -11.35
N LYS A 169 15.84 32.39 -11.91
CA LYS A 169 14.85 33.20 -11.13
C LYS A 169 13.92 32.23 -10.40
N GLU A 170 13.16 31.42 -11.14
CA GLU A 170 12.23 30.40 -10.58
C GLU A 170 12.95 29.64 -9.45
N ALA A 171 14.18 29.17 -9.69
CA ALA A 171 15.02 28.45 -8.71
C ALA A 171 15.14 29.28 -7.42
N GLN A 172 15.52 30.55 -7.54
CA GLN A 172 15.72 31.48 -6.39
C GLN A 172 14.38 31.65 -5.65
N VAL A 173 13.30 31.95 -6.37
CA VAL A 173 11.93 32.11 -5.81
C VAL A 173 11.57 30.84 -5.03
N VAL A 174 11.71 29.67 -5.65
CA VAL A 174 11.39 28.35 -5.02
C VAL A 174 12.25 28.18 -3.76
N TYR A 175 13.55 28.42 -3.86
CA TYR A 175 14.51 28.34 -2.73
C TYR A 175 14.02 29.19 -1.55
N GLU A 176 13.59 30.42 -1.82
CA GLU A 176 13.24 31.43 -0.79
C GLU A 176 11.88 31.13 -0.15
N ASN A 177 10.98 30.47 -0.87
CA ASN A 177 9.55 30.33 -0.48
C ASN A 177 9.17 28.86 -0.30
N LEU A 178 10.14 27.93 -0.35
CA LEU A 178 9.90 26.47 -0.24
C LEU A 178 9.15 26.20 1.06
N TYR A 179 9.71 26.67 2.18
CA TYR A 179 9.22 26.37 3.56
C TYR A 179 8.01 27.25 3.93
N THR A 180 7.69 28.28 3.13
CA THR A 180 6.51 29.16 3.32
C THR A 180 5.32 28.58 2.53
N TRP A 181 5.57 28.01 1.35
CA TRP A 181 4.54 27.35 0.52
C TRP A 181 4.17 25.99 1.11
N GLY A 182 5.13 25.33 1.76
CA GLY A 182 5.00 23.97 2.32
C GLY A 182 5.40 23.93 3.79
N PRO A 183 4.64 24.63 4.67
CA PRO A 183 5.04 24.80 6.07
C PRO A 183 5.05 23.47 6.83
N ARG A 184 4.23 22.53 6.37
CA ARG A 184 4.20 21.12 6.87
C ARG A 184 4.83 20.23 5.79
N PRO A 185 5.61 19.21 6.18
CA PRO A 185 6.43 18.45 5.23
C PRO A 185 5.70 17.35 4.44
N HIS A 186 4.50 17.64 3.93
CA HIS A 186 3.72 16.75 3.03
C HIS A 186 4.19 16.95 1.58
N ASN A 187 3.48 16.38 0.60
CA ASN A 187 3.93 16.35 -0.82
C ASN A 187 3.99 17.77 -1.40
N HIS A 188 3.38 18.77 -0.76
CA HIS A 188 3.50 20.20 -1.13
C HIS A 188 4.90 20.73 -0.81
N LEU A 189 5.68 20.05 0.03
CA LEU A 189 7.09 20.42 0.28
C LEU A 189 7.99 19.58 -0.63
N SER A 190 7.84 18.25 -0.61
CA SER A 190 8.73 17.30 -1.32
C SER A 190 8.70 17.57 -2.83
N LYS A 191 7.53 17.66 -3.46
CA LYS A 191 7.41 17.79 -4.94
C LYS A 191 8.21 18.99 -5.45
N PRO A 192 7.97 20.24 -4.98
CA PRO A 192 8.76 21.37 -5.44
C PRO A 192 10.24 21.33 -5.02
N ALA A 193 10.56 20.64 -3.92
CA ALA A 193 11.95 20.45 -3.45
C ALA A 193 12.75 19.64 -4.47
N TRP A 194 12.15 18.60 -5.04
CA TRP A 194 12.76 17.78 -6.12
C TRP A 194 12.82 18.62 -7.41
N GLY A 195 11.82 19.48 -7.64
CA GLY A 195 11.80 20.46 -8.74
C GLY A 195 13.00 21.38 -8.67
N LEU A 196 13.25 21.96 -7.49
CA LEU A 196 14.45 22.81 -7.22
C LEU A 196 15.71 21.98 -7.46
N GLY A 197 15.71 20.72 -7.01
CA GLY A 197 16.85 19.80 -7.14
C GLY A 197 17.29 19.68 -8.58
N THR A 198 16.34 19.43 -9.48
CA THR A 198 16.53 19.35 -10.96
C THR A 198 17.14 20.66 -11.47
N LEU A 199 16.51 21.80 -11.17
CA LEU A 199 16.99 23.16 -11.58
C LEU A 199 18.44 23.36 -11.12
N ALA A 200 18.77 22.96 -9.90
CA ALA A 200 20.12 23.13 -9.30
C ALA A 200 21.15 22.31 -10.09
N LEU A 201 20.78 21.09 -10.50
CA LEU A 201 21.67 20.18 -11.27
C LEU A 201 21.80 20.72 -12.72
N THR A 202 20.70 21.21 -13.29
CA THR A 202 20.65 21.75 -14.68
C THR A 202 21.55 22.98 -14.79
N LEU A 203 21.51 23.89 -13.80
CA LEU A 203 22.33 25.12 -13.75
C LEU A 203 23.46 24.92 -12.74
N SER A 204 24.15 23.77 -12.78
CA SER A 204 25.17 23.35 -11.77
C SER A 204 26.29 24.40 -11.65
N ASP A 205 26.58 25.15 -12.73
CA ASP A 205 27.68 26.14 -12.76
C ASP A 205 27.26 27.40 -12.00
N HIS A 206 25.96 27.76 -12.01
CA HIS A 206 25.38 28.95 -11.33
C HIS A 206 25.92 29.03 -9.90
N PRO A 207 26.26 30.24 -9.38
CA PRO A 207 26.86 30.35 -8.04
C PRO A 207 26.04 29.79 -6.88
N ASP A 208 24.71 29.77 -7.00
CA ASP A 208 23.76 29.46 -5.89
C ASP A 208 23.27 28.01 -5.96
N ALA A 209 23.72 27.23 -6.96
CA ALA A 209 23.26 25.85 -7.22
C ALA A 209 23.52 24.95 -6.00
N SER A 210 24.62 25.19 -5.27
CA SER A 210 25.00 24.44 -4.05
C SER A 210 23.95 24.65 -2.95
N LYS A 211 23.62 25.92 -2.68
CA LYS A 211 22.57 26.32 -1.71
C LYS A 211 21.23 25.67 -2.12
N TRP A 212 20.85 25.79 -3.39
CA TRP A 212 19.57 25.28 -3.96
C TRP A 212 19.43 23.78 -3.69
N LEU A 213 20.39 22.98 -4.17
CA LEU A 213 20.39 21.49 -4.07
C LEU A 213 20.33 21.10 -2.60
N ASN A 214 21.16 21.73 -1.76
CA ASN A 214 21.24 21.45 -0.30
C ASN A 214 19.86 21.58 0.33
N ARG A 215 19.20 22.73 0.16
CA ARG A 215 17.83 22.99 0.70
C ARG A 215 16.86 21.97 0.10
N ALA A 216 16.95 21.70 -1.20
CA ALA A 216 16.10 20.73 -1.93
C ALA A 216 16.15 19.36 -1.25
N LEU A 217 17.37 18.87 -0.93
CA LEU A 217 17.58 17.56 -0.27
C LEU A 217 17.06 17.62 1.17
N GLU A 218 17.36 18.72 1.88
CA GLU A 218 16.98 18.98 3.30
C GLU A 218 15.45 18.94 3.44
N ALA A 219 14.74 19.64 2.54
CA ALA A 219 13.26 19.76 2.50
C ALA A 219 12.63 18.40 2.18
N ALA A 220 13.15 17.69 1.19
CA ALA A 220 12.68 16.34 0.80
C ALA A 220 12.85 15.38 1.97
N ASN A 221 13.90 15.54 2.77
CA ASN A 221 14.23 14.60 3.87
C ASN A 221 13.20 14.70 5.00
N THR A 222 12.55 15.86 5.17
CA THR A 222 11.49 16.07 6.19
C THR A 222 10.22 15.28 5.78
N ASN A 223 9.97 15.12 4.47
CA ASN A 223 8.86 14.28 3.92
C ASN A 223 9.18 12.79 4.15
N THR A 224 10.41 12.36 3.87
CA THR A 224 10.80 10.92 3.88
C THR A 224 11.01 10.45 5.33
N LEU A 225 11.17 11.39 6.28
CA LEU A 225 11.37 11.08 7.71
C LEU A 225 10.00 10.84 8.40
N TYR A 226 8.96 11.57 7.98
CA TYR A 226 7.63 11.62 8.64
C TYR A 226 6.60 10.81 7.85
N PHE A 227 6.43 11.09 6.56
CA PHE A 227 5.35 10.51 5.73
C PHE A 227 5.77 9.13 5.19
N PHE A 228 7.07 8.88 5.02
CA PHE A 228 7.57 7.54 4.59
C PHE A 228 7.99 6.77 5.82
N ASN A 229 7.78 5.45 5.81
CA ASN A 229 8.40 4.50 6.76
C ASN A 229 9.68 3.96 6.11
N LYS A 230 10.65 3.53 6.93
CA LYS A 230 11.86 2.80 6.47
C LYS A 230 11.46 1.70 5.50
N ASP A 231 10.37 0.98 5.77
CA ASP A 231 9.94 -0.23 5.01
C ASP A 231 9.22 0.16 3.72
N GLY A 232 9.13 1.45 3.40
CA GLY A 232 8.66 1.94 2.08
C GLY A 232 7.27 2.56 2.15
N HIS A 233 6.45 2.19 3.14
CA HIS A 233 5.06 2.71 3.30
C HIS A 233 5.05 4.25 3.20
N TYR A 234 4.11 4.80 2.43
CA TYR A 234 3.74 6.24 2.40
C TYR A 234 2.37 6.44 3.08
N ARG A 235 2.34 7.38 4.04
CA ARG A 235 1.21 7.56 4.99
C ARG A 235 0.13 8.49 4.41
N GLU A 236 0.43 9.24 3.35
CA GLU A 236 -0.58 10.04 2.59
C GLU A 236 -1.33 9.11 1.61
N GLY A 237 -0.92 7.84 1.52
CA GLY A 237 -1.61 6.82 0.72
C GLY A 237 -1.15 6.77 -0.73
N ALA A 238 -1.71 5.82 -1.48
CA ALA A 238 -1.23 5.38 -2.81
C ALA A 238 -1.29 6.53 -3.82
N HIS A 239 -2.38 7.30 -3.83
CA HIS A 239 -2.60 8.40 -4.82
C HIS A 239 -1.48 9.43 -4.70
N TYR A 240 -1.17 9.86 -3.48
CA TYR A 240 -0.23 10.98 -3.22
C TYR A 240 1.22 10.46 -3.25
N TYR A 241 1.39 9.15 -3.07
CA TYR A 241 2.67 8.44 -3.30
C TYR A 241 3.06 8.59 -4.78
N VAL A 242 2.18 8.15 -5.68
CA VAL A 242 2.38 8.33 -7.15
C VAL A 242 2.64 9.83 -7.40
N TYR A 243 1.77 10.71 -6.93
CA TYR A 243 1.86 12.18 -7.16
C TYR A 243 3.27 12.65 -6.77
N SER A 244 3.81 12.11 -5.68
CA SER A 244 5.20 12.36 -5.21
C SER A 244 6.19 11.84 -6.28
N LEU A 245 5.98 10.62 -6.80
CA LEU A 245 6.90 9.94 -7.77
C LEU A 245 7.08 10.78 -9.05
N VAL A 246 6.06 11.53 -9.45
CA VAL A 246 6.09 12.35 -10.71
C VAL A 246 7.34 13.23 -10.70
N ASN A 247 7.71 13.78 -9.53
CA ASN A 247 8.87 14.69 -9.35
C ASN A 247 10.08 13.95 -8.76
N LEU A 248 9.87 12.90 -7.96
CA LEU A 248 10.95 12.15 -7.26
C LEU A 248 11.77 11.34 -8.26
N ILE A 249 11.10 10.45 -9.02
CA ILE A 249 11.75 9.49 -9.95
C ILE A 249 12.69 10.29 -10.87
N PRO A 250 12.20 11.30 -11.63
CA PRO A 250 13.09 12.17 -12.40
C PRO A 250 14.32 12.62 -11.60
N PHE A 251 14.13 13.28 -10.46
CA PHE A 251 15.25 13.83 -9.65
C PHE A 251 16.25 12.72 -9.29
N LEU A 252 15.77 11.52 -8.98
CA LEU A 252 16.65 10.38 -8.60
C LEU A 252 17.62 10.10 -9.75
N TYR A 253 17.08 9.98 -10.97
CA TYR A 253 17.87 9.81 -12.23
C TYR A 253 18.78 11.03 -12.40
N HIS A 254 18.21 12.23 -12.43
CA HIS A 254 18.95 13.51 -12.65
C HIS A 254 20.22 13.55 -11.79
N TYR A 255 20.12 13.22 -10.50
CA TYR A 255 21.21 13.41 -9.51
C TYR A 255 22.27 12.31 -9.67
N LYS A 256 21.87 11.13 -10.18
CA LYS A 256 22.80 10.03 -10.54
C LYS A 256 23.53 10.41 -11.82
N ASN A 257 22.77 10.76 -12.87
CA ASN A 257 23.25 11.01 -14.24
C ASN A 257 24.15 12.26 -14.28
N VAL A 258 23.93 13.24 -13.40
CA VAL A 258 24.65 14.54 -13.43
C VAL A 258 25.85 14.50 -12.47
N SER A 259 25.65 14.03 -11.24
CA SER A 259 26.63 14.18 -10.12
C SER A 259 27.19 12.83 -9.67
N GLY A 260 26.68 11.71 -10.20
CA GLY A 260 27.07 10.36 -9.76
C GLY A 260 26.74 10.11 -8.29
N VAL A 261 25.68 10.74 -7.79
CA VAL A 261 25.05 10.40 -6.47
C VAL A 261 23.87 9.48 -6.77
N ASN A 262 24.01 8.18 -6.48
CA ASN A 262 22.95 7.15 -6.68
C ASN A 262 22.22 6.92 -5.36
N TYR A 263 20.95 7.35 -5.29
CA TYR A 263 20.07 7.23 -4.09
C TYR A 263 19.07 6.06 -4.26
N PHE A 264 19.08 5.40 -5.42
CA PHE A 264 18.16 4.28 -5.76
C PHE A 264 18.24 3.14 -4.73
N PRO A 265 19.42 2.79 -4.17
CA PRO A 265 19.47 1.86 -3.03
C PRO A 265 18.67 2.32 -1.79
N GLU A 266 18.75 3.59 -1.42
CA GLU A 266 18.10 4.13 -0.18
C GLU A 266 16.57 4.20 -0.38
N TYR A 267 16.11 4.51 -1.59
CA TYR A 267 14.67 4.67 -1.95
C TYR A 267 14.10 3.32 -2.43
N LYS A 268 14.84 2.23 -2.29
CA LYS A 268 14.47 0.90 -2.85
C LYS A 268 13.09 0.50 -2.32
N ASN A 269 12.90 0.58 -1.00
CA ASN A 269 11.75 0.02 -0.28
C ASN A 269 10.43 0.67 -0.74
N ILE A 270 10.44 1.93 -1.14
CA ILE A 270 9.20 2.64 -1.54
C ILE A 270 8.62 1.97 -2.81
N PHE A 271 9.46 1.26 -3.56
CA PHE A 271 9.04 0.55 -4.79
C PHE A 271 8.65 -0.89 -4.44
N GLU A 272 9.41 -1.55 -3.57
CA GLU A 272 9.08 -2.92 -3.09
C GLU A 272 7.71 -2.87 -2.40
N TRP A 273 7.45 -1.81 -1.61
CA TRP A 273 6.18 -1.60 -0.85
C TRP A 273 4.97 -1.78 -1.78
N ALA A 274 4.98 -1.08 -2.92
CA ALA A 274 3.91 -1.12 -3.93
C ALA A 274 3.61 -2.56 -4.35
N VAL A 275 4.65 -3.36 -4.54
CA VAL A 275 4.52 -4.76 -5.03
C VAL A 275 3.92 -5.61 -3.92
N LYS A 276 4.24 -5.30 -2.66
CA LYS A 276 3.81 -6.13 -1.50
C LYS A 276 2.32 -5.92 -1.19
N ILE A 277 1.73 -4.75 -1.52
CA ILE A 277 0.32 -4.40 -1.15
C ILE A 277 -0.59 -4.46 -2.38
N ARG A 278 -0.05 -4.76 -3.56
CA ARG A 278 -0.84 -4.89 -4.81
C ARG A 278 -1.90 -5.97 -4.61
N ASN A 279 -3.11 -5.75 -5.12
CA ASN A 279 -4.20 -6.77 -5.12
C ASN A 279 -4.01 -7.69 -6.34
N GLY A 280 -4.97 -8.58 -6.60
CA GLY A 280 -4.94 -9.58 -7.68
C GLY A 280 -4.78 -8.97 -9.08
N ARG A 281 -5.17 -7.70 -9.26
CA ARG A 281 -5.09 -6.98 -10.56
C ARG A 281 -4.03 -5.87 -10.47
N GLY A 282 -3.13 -5.96 -9.49
CA GLY A 282 -1.96 -5.07 -9.33
C GLY A 282 -2.32 -3.63 -8.98
N TRP A 283 -3.48 -3.41 -8.35
CA TRP A 283 -3.91 -2.08 -7.82
C TRP A 283 -3.47 -1.93 -6.36
N MET A 284 -2.88 -0.77 -6.06
CA MET A 284 -2.67 -0.33 -4.66
C MET A 284 -4.01 0.10 -4.09
N PRO A 285 -4.24 -0.09 -2.77
CA PRO A 285 -5.56 0.13 -2.18
C PRO A 285 -5.94 1.60 -1.90
N ASN A 286 -7.26 1.85 -1.97
CA ASN A 286 -7.92 3.16 -1.74
C ASN A 286 -7.96 3.45 -0.23
N VAL A 287 -6.79 3.60 0.39
CA VAL A 287 -6.64 3.77 1.86
C VAL A 287 -6.02 5.15 2.12
N GLU A 288 -6.54 5.85 3.14
CA GLU A 288 -6.34 7.31 3.42
C GLU A 288 -6.93 8.08 2.22
N ASP A 289 -6.59 9.36 2.04
CA ASP A 289 -7.04 10.18 0.88
C ASP A 289 -6.42 9.60 -0.41
N SER A 290 -7.05 8.58 -0.99
CA SER A 290 -6.47 7.76 -2.09
C SER A 290 -7.55 7.00 -2.84
N TRP A 291 -7.38 6.93 -4.16
CA TRP A 291 -8.11 6.05 -5.11
C TRP A 291 -7.34 4.74 -5.23
N ILE A 292 -7.86 3.78 -5.99
CA ILE A 292 -7.06 2.62 -6.49
C ILE A 292 -6.00 3.20 -7.44
N LYS A 293 -4.78 2.67 -7.40
CA LYS A 293 -3.62 3.19 -8.18
C LYS A 293 -2.77 2.03 -8.69
N PRO A 294 -2.23 2.15 -9.92
CA PRO A 294 -1.13 1.31 -10.36
C PRO A 294 0.18 1.94 -9.86
N ALA A 295 1.23 1.14 -9.69
CA ALA A 295 2.55 1.60 -9.22
C ALA A 295 3.52 1.58 -10.39
N PRO A 296 4.05 2.75 -10.84
CA PRO A 296 4.89 2.81 -12.04
C PRO A 296 6.30 2.27 -11.75
N THR A 297 6.38 1.00 -11.34
CA THR A 297 7.61 0.31 -10.88
C THR A 297 8.56 0.07 -12.07
N HIS A 298 8.03 -0.02 -13.29
CA HIS A 298 8.80 -0.24 -14.55
C HIS A 298 9.82 0.89 -14.75
N MET A 299 9.48 2.11 -14.32
CA MET A 299 10.30 3.32 -14.58
C MET A 299 11.56 3.35 -13.69
N VAL A 300 11.69 2.42 -12.73
CA VAL A 300 12.91 2.33 -11.86
C VAL A 300 13.47 0.89 -11.86
N ALA A 301 12.83 -0.06 -12.55
CA ALA A 301 13.23 -1.48 -12.57
C ALA A 301 14.72 -1.59 -12.92
N SER A 302 15.17 -0.74 -13.87
CA SER A 302 16.52 -0.70 -14.47
C SER A 302 17.61 -0.51 -13.41
N GLN A 303 17.29 0.08 -12.26
CA GLN A 303 18.29 0.44 -11.21
C GLN A 303 18.45 -0.68 -10.18
N TYR A 304 17.66 -1.76 -10.27
CA TYR A 304 17.59 -2.78 -9.19
C TYR A 304 17.94 -4.16 -9.77
N LYS A 305 18.80 -4.16 -10.80
CA LYS A 305 19.25 -5.40 -11.49
C LYS A 305 20.24 -6.15 -10.61
N ASP A 306 20.88 -5.46 -9.65
CA ASP A 306 21.90 -6.01 -8.70
C ASP A 306 21.37 -6.00 -7.26
N THR A 307 20.06 -5.85 -7.06
CA THR A 307 19.39 -5.77 -5.74
C THR A 307 18.65 -7.08 -5.45
N ASP A 308 18.88 -7.68 -4.28
CA ASP A 308 18.16 -8.88 -3.80
C ASP A 308 16.80 -8.45 -3.23
N THR A 309 15.78 -9.31 -3.34
CA THR A 309 14.42 -9.08 -2.78
C THR A 309 13.95 -10.32 -2.01
N ASP A 310 13.08 -10.10 -1.03
CA ASP A 310 12.36 -11.17 -0.27
C ASP A 310 11.26 -11.78 -1.15
N LEU A 311 10.96 -11.17 -2.29
CA LEU A 311 9.79 -11.55 -3.14
C LEU A 311 10.16 -12.68 -4.11
N HIS A 312 11.45 -13.00 -4.26
CA HIS A 312 11.92 -14.17 -5.07
C HIS A 312 13.12 -14.85 -4.41
N SER A 313 13.20 -16.18 -4.58
CA SER A 313 14.27 -17.06 -4.06
C SER A 313 15.61 -16.71 -4.74
N THR A 314 15.59 -16.54 -6.07
CA THR A 314 16.78 -16.35 -6.95
C THR A 314 16.76 -14.99 -7.66
N ALA A 315 15.67 -14.65 -8.35
CA ALA A 315 15.53 -13.45 -9.22
C ALA A 315 15.85 -12.15 -8.45
N LYS A 316 16.20 -11.10 -9.19
CA LYS A 316 16.57 -9.76 -8.67
C LYS A 316 15.35 -8.84 -8.71
N LEU A 317 15.30 -7.84 -7.83
CA LEU A 317 14.13 -6.94 -7.65
C LEU A 317 13.64 -6.44 -9.00
N ALA A 318 14.57 -6.03 -9.88
CA ALA A 318 14.30 -5.44 -11.21
C ALA A 318 13.25 -6.28 -11.96
N ASN A 319 13.35 -7.60 -11.87
CA ASN A 319 12.50 -8.55 -12.64
C ASN A 319 11.10 -8.57 -12.03
N ILE A 320 11.01 -8.42 -10.70
CA ILE A 320 9.72 -8.36 -9.94
C ILE A 320 9.05 -7.01 -10.23
N LEU A 321 9.78 -5.91 -10.05
CA LEU A 321 9.27 -4.54 -10.33
C LEU A 321 8.65 -4.50 -11.72
N GLN A 322 9.36 -5.03 -12.73
CA GLN A 322 8.91 -5.08 -14.15
C GLN A 322 7.64 -5.95 -14.25
N TRP A 323 7.63 -7.12 -13.60
CA TRP A 323 6.46 -8.05 -13.60
C TRP A 323 5.21 -7.34 -13.07
N SER A 324 5.39 -6.54 -12.01
CA SER A 324 4.32 -5.88 -11.23
C SER A 324 3.51 -4.93 -12.12
N TYR A 325 4.18 -4.02 -12.83
CA TYR A 325 3.55 -2.96 -13.63
C TYR A 325 2.75 -3.57 -14.78
N PHE A 326 3.34 -4.55 -15.46
CA PHE A 326 2.77 -5.11 -16.72
C PHE A 326 1.72 -6.17 -16.37
N ASN A 327 1.71 -6.64 -15.12
CA ASN A 327 0.60 -7.47 -14.58
C ASN A 327 -0.31 -6.56 -13.74
N THR A 328 -0.80 -5.49 -14.36
CA THR A 328 -1.79 -4.54 -13.80
C THR A 328 -2.91 -4.41 -14.82
N ASP A 329 -4.17 -4.49 -14.38
CA ASP A 329 -5.34 -4.13 -15.22
C ASP A 329 -5.40 -2.59 -15.32
N PHE A 330 -5.22 -2.02 -16.51
CA PHE A 330 -5.13 -0.56 -16.73
C PHE A 330 -6.46 0.01 -17.22
N ARG A 331 -7.52 -0.81 -17.28
CA ARG A 331 -8.83 -0.44 -17.88
C ARG A 331 -9.46 0.73 -17.13
N PRO A 332 -9.32 0.84 -15.79
CA PRO A 332 -9.80 2.02 -15.07
C PRO A 332 -9.19 3.36 -15.50
N TRP A 333 -8.15 3.37 -16.34
CA TRP A 333 -7.51 4.62 -16.83
C TRP A 333 -7.59 4.75 -18.35
N GLU A 334 -8.39 3.91 -19.02
CA GLU A 334 -8.78 4.10 -20.45
C GLU A 334 -9.84 5.20 -20.51
N PRO A 335 -9.99 5.94 -21.63
CA PRO A 335 -9.13 5.81 -22.80
C PRO A 335 -7.88 6.72 -22.70
N ASP A 336 -7.98 7.79 -21.90
CA ASP A 336 -6.90 8.77 -21.62
C ASP A 336 -5.60 8.02 -21.32
N GLY A 337 -5.50 7.36 -20.15
CA GLY A 337 -4.35 6.53 -19.77
C GLY A 337 -3.55 7.12 -18.62
N SER A 338 -3.92 8.30 -18.12
CA SER A 338 -3.17 9.04 -17.07
C SER A 338 -3.62 8.61 -15.67
N TYR A 339 -2.65 8.21 -14.83
CA TYR A 339 -2.85 7.77 -13.43
C TYR A 339 -1.91 8.54 -12.50
N THR A 340 -1.23 9.60 -12.99
CA THR A 340 -0.26 10.39 -12.19
C THR A 340 -1.04 11.38 -11.31
N GLY A 341 -2.06 12.02 -11.89
CA GLY A 341 -2.87 13.08 -11.27
C GLY A 341 -2.51 14.45 -11.83
N ALA A 342 -1.40 14.53 -12.58
CA ALA A 342 -0.80 15.77 -13.11
C ALA A 342 -0.97 15.84 -14.64
N SER A 343 -2.13 15.41 -15.15
CA SER A 343 -2.43 15.24 -16.59
C SER A 343 -2.64 16.60 -17.30
N TYR A 344 -2.25 17.71 -16.67
CA TYR A 344 -2.12 19.04 -17.33
C TYR A 344 -0.65 19.39 -17.55
N ASP A 345 0.26 18.73 -16.83
CA ASP A 345 1.67 19.19 -16.63
C ASP A 345 2.69 18.12 -17.06
N ASP A 346 2.43 16.84 -16.76
CA ASP A 346 3.43 15.74 -16.88
C ASP A 346 3.77 15.49 -18.36
N THR A 347 4.94 14.89 -18.61
CA THR A 347 5.36 14.28 -19.89
C THR A 347 5.66 12.80 -19.64
N TRP A 348 4.62 12.01 -19.36
CA TRP A 348 4.74 10.63 -18.82
C TRP A 348 5.17 9.68 -19.95
N ASP A 349 4.67 9.91 -21.16
CA ASP A 349 5.05 9.11 -22.36
C ASP A 349 6.56 9.21 -22.56
N ILE A 350 7.12 10.44 -22.54
CA ILE A 350 8.58 10.71 -22.70
C ILE A 350 9.35 10.02 -21.57
N ASP A 351 8.95 10.29 -20.32
CA ASP A 351 9.69 9.87 -19.11
C ASP A 351 9.70 8.33 -19.05
N GLN A 352 8.64 7.68 -19.53
CA GLN A 352 8.53 6.19 -19.62
C GLN A 352 9.48 5.70 -20.72
N TYR A 353 9.46 6.36 -21.88
CA TYR A 353 10.32 6.04 -23.06
C TYR A 353 11.77 6.01 -22.62
N LEU A 354 12.18 6.95 -21.76
CA LEU A 354 13.60 7.14 -21.33
C LEU A 354 14.02 6.13 -20.26
N THR A 355 13.09 5.64 -19.41
CA THR A 355 13.39 4.87 -18.18
C THR A 355 13.10 3.37 -18.34
N TYR A 356 12.20 3.00 -19.26
CA TYR A 356 11.80 1.61 -19.56
C TYR A 356 13.01 0.85 -20.09
N ASP A 357 13.21 -0.39 -19.64
CA ASP A 357 14.28 -1.30 -20.11
C ASP A 357 13.61 -2.55 -20.70
N SER A 358 13.75 -2.73 -22.02
CA SER A 358 13.08 -3.80 -22.80
C SER A 358 13.77 -5.15 -22.58
N THR A 359 14.92 -5.17 -21.89
CA THR A 359 15.76 -6.37 -21.69
C THR A 359 15.30 -7.12 -20.42
N ILE A 360 14.77 -6.42 -19.42
CA ILE A 360 14.43 -6.98 -18.07
C ILE A 360 13.25 -7.94 -18.22
N GLU A 361 13.48 -9.21 -17.88
CA GLU A 361 12.46 -10.29 -17.99
C GLU A 361 11.45 -10.13 -16.83
N GLN A 362 10.15 -10.10 -17.14
CA GLN A 362 9.04 -10.12 -16.15
C GLN A 362 9.05 -11.47 -15.42
N ILE A 363 9.45 -11.48 -14.15
CA ILE A 363 9.41 -12.69 -13.28
C ILE A 363 8.45 -12.45 -12.11
N LYS A 364 7.45 -13.33 -11.99
CA LYS A 364 6.43 -13.35 -10.91
C LYS A 364 7.12 -13.75 -9.60
N PRO A 365 6.81 -13.09 -8.46
CA PRO A 365 7.30 -13.55 -7.15
C PRO A 365 6.95 -15.02 -6.92
N ASP A 366 7.86 -15.78 -6.30
CA ASP A 366 7.75 -17.26 -6.13
C ASP A 366 7.61 -17.60 -4.64
N VAL A 367 7.64 -16.60 -3.75
CA VAL A 367 7.53 -16.80 -2.26
C VAL A 367 6.06 -16.86 -1.88
N SER A 368 5.78 -17.11 -0.60
CA SER A 368 4.43 -16.99 0.01
C SER A 368 3.91 -15.56 -0.21
N GLY A 369 2.65 -15.47 -0.66
CA GLY A 369 1.98 -14.19 -0.95
C GLY A 369 1.81 -13.34 0.31
N THR A 370 1.67 -13.98 1.46
CA THR A 370 1.48 -13.32 2.78
C THR A 370 2.78 -12.60 3.16
N VAL A 371 2.68 -11.31 3.52
CA VAL A 371 3.83 -10.44 3.89
C VAL A 371 3.44 -9.64 5.13
N PHE A 372 4.35 -9.53 6.10
CA PHE A 372 4.15 -8.80 7.38
C PHE A 372 5.09 -7.59 7.43
N MET A 373 4.56 -6.38 7.26
CA MET A 373 5.38 -5.13 7.24
C MET A 373 5.10 -4.34 8.52
N ASN A 374 5.52 -4.92 9.64
CA ASN A 374 5.13 -4.56 11.02
C ASN A 374 5.72 -3.20 11.41
N ASN A 375 6.72 -2.71 10.69
CA ASN A 375 7.33 -1.39 11.02
C ASN A 375 6.31 -0.31 10.70
N SER A 376 5.70 -0.35 9.52
CA SER A 376 4.64 0.60 9.08
C SER A 376 3.30 0.18 9.68
N GLY A 377 3.01 -1.13 9.67
CA GLY A 377 1.84 -1.75 10.33
C GLY A 377 0.82 -2.33 9.35
N GLN A 378 1.15 -2.38 8.05
CA GLN A 378 0.35 -3.10 7.02
C GLN A 378 0.76 -4.57 7.03
N THR A 379 -0.19 -5.44 6.70
CA THR A 379 -0.03 -6.91 6.58
C THR A 379 -0.97 -7.36 5.46
N VAL A 380 -0.49 -8.18 4.53
CA VAL A 380 -1.33 -8.71 3.43
C VAL A 380 -1.37 -10.24 3.55
N PHE A 381 -2.56 -10.78 3.78
CA PHE A 381 -2.87 -12.20 3.56
C PHE A 381 -3.11 -12.33 2.05
N ARG A 382 -2.44 -13.30 1.42
CA ARG A 382 -2.41 -13.48 -0.05
C ARG A 382 -2.13 -14.96 -0.37
N SER A 383 -3.04 -15.62 -1.08
CA SER A 383 -2.94 -17.07 -1.44
C SER A 383 -1.81 -17.25 -2.47
N ASP A 384 -1.75 -16.37 -3.46
CA ASP A 384 -0.88 -16.52 -4.65
C ASP A 384 -0.58 -15.15 -5.24
N TRP A 385 0.35 -15.07 -6.19
CA TRP A 385 0.71 -13.79 -6.86
C TRP A 385 0.06 -13.69 -8.25
N ASN A 386 -0.79 -14.64 -8.63
CA ASN A 386 -1.41 -14.69 -9.99
C ASN A 386 -2.12 -13.36 -10.29
N PHE A 387 -2.02 -12.92 -11.55
CA PHE A 387 -2.72 -11.74 -12.12
C PHE A 387 -4.12 -12.15 -12.61
N ASN A 388 -5.14 -11.37 -12.24
CA ASN A 388 -6.52 -11.49 -12.79
C ASN A 388 -6.99 -12.95 -12.73
N ASN A 389 -6.75 -13.63 -11.59
CA ASN A 389 -7.20 -15.02 -11.33
C ASN A 389 -8.26 -14.99 -10.23
N PRO A 390 -9.46 -15.59 -10.46
CA PRO A 390 -10.52 -15.56 -9.45
C PRO A 390 -10.27 -16.46 -8.23
N ASN A 391 -9.34 -17.41 -8.32
CA ASN A 391 -8.98 -18.34 -7.20
C ASN A 391 -8.11 -17.59 -6.17
N SER A 392 -7.55 -16.43 -6.55
CA SER A 392 -6.74 -15.54 -5.67
C SER A 392 -7.57 -15.05 -4.47
N ARG A 393 -6.95 -14.97 -3.29
CA ARG A 393 -7.52 -14.29 -2.09
C ARG A 393 -6.50 -13.28 -1.53
N TYR A 394 -6.91 -12.02 -1.43
CA TYR A 394 -6.11 -10.91 -0.86
C TYR A 394 -6.92 -10.23 0.24
N LEU A 395 -6.32 -10.06 1.42
CA LEU A 395 -6.81 -9.18 2.51
C LEU A 395 -5.66 -8.29 2.96
N LEU A 396 -5.83 -6.97 2.85
CA LEU A 396 -4.94 -5.96 3.48
C LEU A 396 -5.44 -5.66 4.89
N PHE A 397 -4.55 -5.73 5.89
CA PHE A 397 -4.84 -5.53 7.33
C PHE A 397 -4.14 -4.25 7.79
N GLN A 398 -4.88 -3.14 7.83
CA GLN A 398 -4.36 -1.75 7.97
C GLN A 398 -4.23 -1.37 9.44
N GLY A 399 -3.01 -1.15 9.92
CA GLY A 399 -2.75 -0.70 11.31
C GLY A 399 -1.55 0.22 11.39
N VAL A 400 -1.64 1.39 10.76
CA VAL A 400 -0.51 2.35 10.57
C VAL A 400 -0.74 3.60 11.43
N ALA A 401 0.28 3.98 12.19
CA ALA A 401 0.32 5.24 12.99
C ALA A 401 -0.14 6.41 12.13
N GLU A 402 -1.05 7.24 12.65
CA GLU A 402 -1.74 8.30 11.87
C GLU A 402 -0.74 9.42 11.60
N ALA A 403 -0.80 10.01 10.39
CA ALA A 403 -0.08 11.25 10.03
C ALA A 403 -1.06 12.41 10.01
N ASP A 404 -0.55 13.63 9.88
CA ASP A 404 -1.34 14.88 10.09
C ASP A 404 -1.87 15.41 8.75
N ASN A 405 -1.61 14.72 7.63
CA ASN A 405 -2.22 15.09 6.31
C ASN A 405 -2.87 13.86 5.67
N HIS A 406 -4.01 14.08 5.00
CA HIS A 406 -4.74 13.11 4.15
C HIS A 406 -5.11 11.85 4.95
N TYR A 407 -5.28 11.99 6.26
CA TYR A 407 -5.57 10.88 7.20
C TYR A 407 -7.05 10.47 7.11
N HIS A 408 -7.29 9.17 7.27
CA HIS A 408 -8.61 8.51 7.47
C HIS A 408 -8.54 7.66 8.73
N TYR A 409 -9.64 7.58 9.49
CA TYR A 409 -9.75 6.76 10.73
C TYR A 409 -10.02 5.31 10.32
N ASP A 410 -8.98 4.47 10.26
CA ASP A 410 -9.03 3.11 9.63
C ASP A 410 -8.12 2.11 10.36
N HIS A 411 -7.80 2.35 11.63
CA HIS A 411 -6.95 1.42 12.45
C HIS A 411 -7.66 0.08 12.56
N LEU A 412 -6.89 -0.99 12.35
CA LEU A 412 -7.35 -2.41 12.41
C LEU A 412 -8.47 -2.66 11.38
N SER A 413 -8.61 -1.79 10.37
CA SER A 413 -9.52 -2.02 9.21
C SER A 413 -8.88 -3.07 8.30
N PHE A 414 -9.68 -3.66 7.40
CA PHE A 414 -9.22 -4.60 6.36
C PHE A 414 -10.04 -4.41 5.08
N ILE A 415 -9.41 -4.59 3.93
CA ILE A 415 -10.13 -4.70 2.62
C ILE A 415 -9.78 -6.07 2.03
N ILE A 416 -10.63 -6.56 1.13
CA ILE A 416 -10.55 -7.92 0.51
C ILE A 416 -10.65 -7.75 -1.01
N HIS A 417 -9.77 -8.41 -1.76
CA HIS A 417 -9.88 -8.63 -3.22
C HIS A 417 -9.86 -10.14 -3.46
N ALA A 418 -10.88 -10.66 -4.14
CA ALA A 418 -11.08 -12.11 -4.40
C ALA A 418 -12.13 -12.30 -5.49
N GLU A 419 -12.10 -13.44 -6.18
CA GLU A 419 -12.97 -13.77 -7.33
C GLU A 419 -12.92 -12.61 -8.36
N ASN A 420 -11.75 -11.98 -8.49
CA ASN A 420 -11.46 -10.90 -9.47
C ASN A 420 -12.30 -9.65 -9.18
N GLN A 421 -12.98 -9.59 -8.03
CA GLN A 421 -13.81 -8.41 -7.65
C GLN A 421 -13.28 -7.82 -6.34
N MET A 422 -13.44 -6.50 -6.19
CA MET A 422 -13.13 -5.77 -4.93
C MET A 422 -14.32 -5.89 -3.99
N MET A 423 -14.13 -6.61 -2.87
CA MET A 423 -15.18 -6.99 -1.90
C MET A 423 -15.08 -6.06 -0.68
N ALA A 424 -15.04 -6.59 0.56
CA ALA A 424 -14.91 -5.80 1.82
C ALA A 424 -14.03 -4.57 1.55
N SER A 425 -14.48 -3.37 1.91
CA SER A 425 -13.99 -2.10 1.31
C SER A 425 -13.65 -1.01 2.33
N ASP A 426 -12.60 -0.25 2.02
CA ASP A 426 -12.39 1.16 2.45
C ASP A 426 -13.33 2.00 1.57
N SER A 427 -13.96 3.03 2.12
CA SER A 427 -15.02 3.79 1.41
C SER A 427 -14.38 4.84 0.50
N GLY A 428 -13.05 4.95 0.52
CA GLY A 428 -12.27 5.72 -0.48
C GLY A 428 -12.02 7.15 -0.05
N TYR A 429 -11.29 7.90 -0.88
CA TYR A 429 -10.82 9.29 -0.68
C TYR A 429 -12.00 10.21 -0.36
N SER A 430 -12.91 10.35 -1.34
CA SER A 430 -14.02 11.33 -1.36
C SER A 430 -14.88 11.06 -2.61
N ARG A 431 -15.82 11.95 -2.93
CA ARG A 431 -16.61 11.86 -4.19
C ARG A 431 -15.73 12.29 -5.36
N ASN A 432 -14.88 13.30 -5.15
CA ASN A 432 -14.16 14.01 -6.23
C ASN A 432 -12.84 14.58 -5.71
N SER A 433 -12.87 15.34 -4.61
CA SER A 433 -11.74 16.21 -4.18
C SER A 433 -11.68 16.37 -2.65
N TYR A 434 -10.59 16.97 -2.18
CA TYR A 434 -10.19 17.10 -0.76
C TYR A 434 -11.10 18.07 0.01
N GLY A 435 -11.57 19.13 -0.66
CA GLY A 435 -12.27 20.29 -0.03
C GLY A 435 -13.75 20.03 0.24
N GLU A 436 -14.32 18.95 -0.30
CA GLU A 436 -15.76 18.62 -0.16
C GLU A 436 -16.10 18.38 1.33
N GLY A 437 -17.29 18.80 1.74
CA GLY A 437 -17.82 18.52 3.09
C GLY A 437 -17.85 17.03 3.33
N ILE A 438 -18.48 16.29 2.42
CA ILE A 438 -18.81 14.84 2.55
C ILE A 438 -17.54 14.07 2.96
N ARG A 439 -16.34 14.58 2.62
CA ARG A 439 -15.07 13.90 2.94
C ARG A 439 -14.88 13.83 4.46
N THR A 440 -15.14 14.94 5.16
CA THR A 440 -15.00 15.06 6.63
C THR A 440 -16.18 14.40 7.34
N SER A 441 -17.40 14.61 6.82
CA SER A 441 -18.67 14.14 7.42
C SER A 441 -18.81 12.62 7.25
N TRP A 442 -18.25 12.05 6.19
CA TRP A 442 -18.38 10.59 5.88
C TRP A 442 -17.03 9.92 5.64
N TYR A 443 -16.32 10.29 4.57
CA TYR A 443 -15.28 9.44 3.92
C TYR A 443 -14.15 9.13 4.91
N LEU A 444 -13.63 10.12 5.64
CA LEU A 444 -12.46 9.90 6.54
C LEU A 444 -12.89 9.32 7.89
N THR A 445 -14.19 9.31 8.19
CA THR A 445 -14.74 8.93 9.52
C THR A 445 -14.61 7.43 9.73
N ALA A 446 -14.44 7.00 10.98
CA ALA A 446 -14.27 5.58 11.39
C ALA A 446 -15.38 4.72 10.80
N GLU A 447 -16.63 5.20 10.83
CA GLU A 447 -17.83 4.41 10.43
C GLU A 447 -17.77 4.06 8.93
N ALA A 448 -17.05 4.83 8.12
CA ALA A 448 -16.86 4.58 6.69
C ALA A 448 -15.88 3.43 6.45
N HIS A 449 -15.43 2.73 7.50
CA HIS A 449 -14.34 1.71 7.45
C HIS A 449 -14.75 0.45 8.22
N ASN A 450 -14.01 -0.65 8.01
CA ASN A 450 -14.29 -1.96 8.65
C ASN A 450 -13.61 -1.97 10.02
N VAL A 451 -14.15 -1.20 10.96
CA VAL A 451 -13.57 -1.00 12.31
C VAL A 451 -14.64 -1.32 13.36
N ILE A 452 -14.24 -1.27 14.63
CA ILE A 452 -15.13 -1.31 15.82
C ILE A 452 -14.87 -0.03 16.61
N THR A 453 -15.90 0.78 16.82
CA THR A 453 -15.85 2.01 17.66
C THR A 453 -16.40 1.70 19.05
N ALA A 454 -15.89 2.40 20.06
CA ALA A 454 -16.41 2.42 21.45
C ALA A 454 -17.00 3.80 21.73
N ASN A 455 -18.31 3.88 21.97
CA ASN A 455 -19.07 5.16 22.12
C ASN A 455 -18.67 6.10 20.97
N GLY A 456 -18.56 5.56 19.76
CA GLY A 456 -18.31 6.35 18.53
C GLY A 456 -16.84 6.67 18.32
N GLU A 457 -16.00 6.45 19.34
CA GLU A 457 -14.52 6.71 19.30
C GLU A 457 -13.85 5.64 18.44
N HIS A 458 -12.96 6.05 17.53
CA HIS A 458 -12.19 5.16 16.62
C HIS A 458 -10.99 4.57 17.35
N PRO A 459 -10.59 3.32 17.01
CA PRO A 459 -9.38 2.73 17.58
C PRO A 459 -8.24 3.60 17.05
N LYS A 460 -7.22 3.86 17.87
CA LYS A 460 -6.15 4.83 17.52
C LYS A 460 -4.81 4.38 18.12
N ASP A 461 -3.76 5.17 17.87
CA ASP A 461 -2.37 4.88 18.29
C ASP A 461 -2.27 5.04 19.80
N VAL A 462 -1.38 4.28 20.43
CA VAL A 462 -1.03 4.43 21.87
C VAL A 462 -0.39 5.81 22.06
N SER A 463 0.47 6.23 21.13
CA SER A 463 1.25 7.49 21.17
C SER A 463 1.63 7.91 19.75
N GLU A 464 1.59 9.22 19.47
CA GLU A 464 1.91 9.81 18.14
C GLU A 464 3.09 9.07 17.50
N ASN A 465 2.94 8.67 16.24
CA ASN A 465 4.01 8.12 15.35
C ASN A 465 4.54 6.76 15.84
N THR A 466 3.81 6.08 16.73
CA THR A 466 4.14 4.69 17.17
C THR A 466 3.15 3.71 16.54
N THR A 467 3.66 2.79 15.73
CA THR A 467 2.87 1.82 14.94
C THR A 467 2.14 0.89 15.91
N PRO A 468 0.80 0.69 15.73
CA PRO A 468 0.06 -0.35 16.47
C PRO A 468 0.78 -1.69 16.50
N VAL A 469 0.93 -2.24 17.71
CA VAL A 469 1.72 -3.47 18.01
C VAL A 469 1.09 -4.67 17.30
N SER A 470 1.93 -5.47 16.62
CA SER A 470 1.56 -6.76 16.02
C SER A 470 2.07 -7.91 16.90
N ARG A 471 1.35 -9.03 16.93
CA ARG A 471 1.77 -10.28 17.62
C ARG A 471 1.29 -11.50 16.84
N TYR A 472 1.96 -12.64 17.08
CA TYR A 472 1.54 -13.99 16.69
C TYR A 472 1.47 -14.15 15.16
N ASP A 473 2.29 -13.39 14.40
CA ASP A 473 2.50 -13.61 12.95
C ASP A 473 2.76 -15.10 12.72
N MET A 474 1.98 -15.72 11.85
CA MET A 474 2.12 -17.14 11.43
C MET A 474 1.75 -17.25 9.95
N ASP A 475 2.69 -17.71 9.13
CA ASP A 475 2.48 -17.99 7.68
C ASP A 475 2.69 -19.49 7.47
N THR A 476 1.74 -20.15 6.80
CA THR A 476 1.79 -21.60 6.43
C THR A 476 0.99 -21.79 5.15
N ASP A 477 0.92 -23.03 4.66
CA ASP A 477 0.22 -23.43 3.41
C ASP A 477 -1.30 -23.39 3.62
N PHE A 478 -1.76 -23.50 4.87
CA PHE A 478 -3.14 -23.92 5.26
C PHE A 478 -3.81 -22.90 6.20
N PHE A 479 -3.05 -21.98 6.82
CA PHE A 479 -3.57 -20.99 7.79
C PHE A 479 -2.51 -19.93 8.11
N ASP A 480 -2.82 -18.68 7.80
CA ASP A 480 -2.03 -17.49 8.20
C ASP A 480 -2.79 -16.78 9.34
N PHE A 481 -2.11 -15.93 10.10
CA PHE A 481 -2.64 -15.34 11.36
C PHE A 481 -1.76 -14.16 11.80
N GLN A 482 -2.40 -13.10 12.28
CA GLN A 482 -1.73 -11.98 12.99
C GLN A 482 -2.77 -11.23 13.84
N GLU A 483 -2.36 -10.75 15.01
CA GLU A 483 -3.21 -9.86 15.85
C GLU A 483 -2.53 -8.48 15.91
N LYS A 484 -3.34 -7.43 15.91
CA LYS A 484 -2.91 -6.02 16.10
C LYS A 484 -3.68 -5.41 17.28
N GLU A 485 -3.04 -4.50 18.01
CA GLU A 485 -3.60 -3.85 19.24
C GLU A 485 -3.61 -2.33 19.05
N ALA A 486 -4.80 -1.72 19.07
CA ALA A 486 -5.04 -0.26 19.16
C ALA A 486 -5.74 0.05 20.49
N VAL A 487 -5.88 1.34 20.81
CA VAL A 487 -6.54 1.85 22.05
C VAL A 487 -7.55 2.91 21.63
N TYR A 488 -8.59 3.14 22.44
CA TYR A 488 -9.68 4.11 22.15
C TYR A 488 -9.33 5.46 22.79
N ASP A 489 -8.60 5.44 23.90
CA ASP A 489 -8.23 6.66 24.69
C ASP A 489 -6.76 7.00 24.40
N GLY A 490 -6.37 6.97 23.14
CA GLY A 490 -4.99 7.27 22.70
C GLY A 490 -4.93 8.51 21.81
N PHE A 491 -4.00 8.52 20.86
CA PHE A 491 -3.58 9.71 20.08
C PHE A 491 -4.14 9.65 18.66
N THR A 492 -4.69 10.78 18.18
CA THR A 492 -5.23 10.94 16.81
C THR A 492 -5.14 12.41 16.38
N PHE A 493 -5.69 12.71 15.19
CA PHE A 493 -5.83 14.07 14.62
C PHE A 493 -7.30 14.28 14.25
N PRO A 494 -7.90 15.47 14.54
CA PRO A 494 -7.28 16.50 15.38
C PRO A 494 -7.16 16.04 16.84
N GLU A 495 -6.18 16.60 17.57
CA GLU A 495 -5.69 16.06 18.88
C GLU A 495 -6.79 16.22 19.94
N LYS A 496 -7.03 15.13 20.70
CA LYS A 496 -8.13 14.95 21.69
C LYS A 496 -7.52 14.34 22.96
N ASN A 497 -7.59 15.03 24.11
CA ASN A 497 -6.72 14.74 25.28
C ASN A 497 -7.42 13.86 26.33
N SER A 498 -8.74 14.03 26.55
CA SER A 498 -9.48 13.31 27.62
C SER A 498 -10.68 12.53 27.06
N TYR A 499 -10.93 11.36 27.63
CA TYR A 499 -11.99 10.40 27.25
C TYR A 499 -12.75 9.97 28.52
N ASP A 500 -14.05 9.69 28.41
CA ASP A 500 -14.91 9.29 29.55
C ASP A 500 -14.48 7.91 30.08
N PHE A 501 -13.69 7.16 29.31
CA PHE A 501 -13.34 5.75 29.59
C PHE A 501 -11.93 5.45 29.06
N SER A 502 -11.48 4.21 29.27
CA SER A 502 -10.17 3.69 28.82
C SER A 502 -10.35 2.26 28.31
N GLY A 503 -10.11 2.03 27.02
CA GLY A 503 -10.33 0.72 26.38
C GLY A 503 -9.37 0.46 25.24
N LYS A 504 -9.38 -0.77 24.72
CA LYS A 504 -8.52 -1.21 23.60
C LYS A 504 -9.23 -2.29 22.78
N GLN A 505 -8.81 -2.44 21.52
CA GLN A 505 -9.21 -3.52 20.58
C GLN A 505 -7.97 -4.37 20.27
N ILE A 506 -8.06 -5.68 20.45
CA ILE A 506 -7.11 -6.68 19.89
C ILE A 506 -7.84 -7.43 18.77
N ARG A 507 -7.59 -7.06 17.50
CA ARG A 507 -8.18 -7.71 16.31
C ARG A 507 -7.20 -8.72 15.72
N ALA A 508 -7.54 -10.00 15.77
CA ALA A 508 -6.80 -11.08 15.07
C ALA A 508 -7.50 -11.36 13.74
N ILE A 509 -6.73 -11.67 12.70
CA ILE A 509 -7.25 -12.14 11.39
C ILE A 509 -6.55 -13.45 11.05
N GLY A 510 -7.34 -14.47 10.70
CA GLY A 510 -6.87 -15.77 10.21
C GLY A 510 -7.23 -15.95 8.75
N PHE A 511 -6.53 -16.86 8.06
CA PHE A 511 -6.70 -17.16 6.62
C PHE A 511 -6.92 -18.67 6.47
N PRO A 512 -8.04 -19.22 6.99
CA PRO A 512 -8.31 -20.66 6.92
C PRO A 512 -8.34 -21.21 5.47
N ARG A 513 -7.53 -22.25 5.21
CA ARG A 513 -7.37 -22.88 3.88
C ARG A 513 -6.93 -21.85 2.83
N GLN A 514 -6.32 -20.74 3.24
CA GLN A 514 -6.03 -19.60 2.33
C GLN A 514 -7.18 -19.44 1.33
N ASP A 515 -8.42 -19.50 1.80
CA ASP A 515 -9.66 -19.58 1.00
C ASP A 515 -10.67 -18.51 1.46
N TYR A 516 -10.82 -18.30 2.77
CA TYR A 516 -11.70 -17.27 3.37
C TYR A 516 -11.07 -16.77 4.67
N PHE A 517 -11.74 -15.81 5.33
CA PHE A 517 -11.17 -15.00 6.44
C PHE A 517 -12.03 -15.13 7.71
N VAL A 518 -11.37 -15.16 8.86
CA VAL A 518 -11.98 -14.99 10.20
C VAL A 518 -11.37 -13.73 10.83
N VAL A 519 -12.21 -12.81 11.30
CA VAL A 519 -11.80 -11.60 12.06
C VAL A 519 -12.34 -11.75 13.48
N ALA A 520 -11.47 -12.02 14.45
CA ALA A 520 -11.81 -12.27 15.87
C ALA A 520 -11.31 -11.10 16.73
N ASP A 521 -12.25 -10.29 17.24
CA ASP A 521 -11.96 -9.09 18.05
C ASP A 521 -12.12 -9.40 19.53
N GLN A 522 -11.12 -9.04 20.35
CA GLN A 522 -11.21 -8.93 21.82
C GLN A 522 -11.34 -7.44 22.14
N LEU A 523 -12.31 -7.07 22.98
CA LEU A 523 -12.55 -5.65 23.38
C LEU A 523 -12.52 -5.57 24.91
N PHE A 524 -11.65 -4.71 25.44
CA PHE A 524 -11.49 -4.43 26.88
C PHE A 524 -11.83 -2.96 27.11
N SER A 525 -12.51 -2.66 28.21
CA SER A 525 -12.86 -1.29 28.66
C SER A 525 -12.97 -1.29 30.19
N ASP A 526 -12.77 -0.13 30.83
CA ASP A 526 -12.90 0.05 32.30
C ASP A 526 -14.36 0.39 32.63
N LYS A 527 -15.19 0.66 31.61
CA LYS A 527 -16.62 1.02 31.76
C LYS A 527 -17.48 0.32 30.70
N GLU A 528 -18.77 0.16 30.99
CA GLU A 528 -19.80 -0.26 30.01
C GLU A 528 -19.84 0.79 28.91
N VAL A 529 -19.73 0.37 27.64
CA VAL A 529 -19.74 1.26 26.44
C VAL A 529 -20.50 0.57 25.31
N GLN A 530 -20.82 1.34 24.27
CA GLN A 530 -21.45 0.83 23.02
C GLN A 530 -20.34 0.54 22.00
N TYR A 531 -20.11 -0.75 21.73
CA TYR A 531 -19.26 -1.24 20.63
C TYR A 531 -20.10 -1.30 19.34
N ASP A 532 -19.67 -0.56 18.32
CA ASP A 532 -20.24 -0.58 16.96
C ASP A 532 -19.23 -1.22 16.00
N LEU A 533 -19.54 -2.44 15.54
CA LEU A 533 -18.82 -3.14 14.45
C LEU A 533 -19.47 -2.74 13.12
N TYR A 534 -18.67 -2.30 12.16
CA TYR A 534 -19.10 -1.97 10.77
C TYR A 534 -18.40 -2.93 9.80
N LEU A 535 -19.15 -3.44 8.82
CA LEU A 535 -18.62 -4.27 7.71
C LEU A 535 -19.19 -3.76 6.38
N HIS A 536 -18.37 -3.07 5.59
CA HIS A 536 -18.70 -2.58 4.22
C HIS A 536 -18.35 -3.68 3.21
N GLY A 537 -19.28 -4.02 2.31
CA GLY A 537 -19.07 -5.05 1.27
C GLY A 537 -18.79 -4.43 -0.09
N GLY A 538 -18.10 -3.29 -0.10
CA GLY A 538 -17.83 -2.52 -1.32
C GLY A 538 -19.10 -2.25 -2.11
N ARG A 539 -19.00 -2.28 -3.44
CA ARG A 539 -20.10 -1.87 -4.36
C ARG A 539 -20.98 -3.09 -4.68
N GLY A 540 -21.60 -3.68 -3.64
CA GLY A 540 -22.48 -4.86 -3.78
C GLY A 540 -23.92 -4.55 -3.39
N GLU A 541 -24.86 -5.34 -3.92
CA GLU A 541 -26.27 -5.41 -3.48
C GLU A 541 -26.29 -6.22 -2.17
N MET A 542 -26.44 -5.55 -1.03
CA MET A 542 -26.53 -6.23 0.30
C MET A 542 -27.91 -6.88 0.44
N SER A 543 -27.94 -8.12 0.91
CA SER A 543 -29.17 -8.85 1.32
C SER A 543 -28.89 -9.53 2.68
N GLY A 544 -29.80 -10.40 3.13
CA GLY A 544 -29.63 -11.22 4.34
C GLY A 544 -30.28 -10.58 5.55
N GLU A 545 -30.73 -11.42 6.49
CA GLU A 545 -31.34 -11.04 7.79
C GLU A 545 -30.53 -11.67 8.91
N GLY A 546 -30.73 -11.19 10.14
CA GLY A 546 -30.09 -11.73 11.36
C GLY A 546 -28.62 -11.36 11.40
N ASN A 547 -27.76 -12.33 11.69
CA ASN A 547 -26.29 -12.16 11.82
C ASN A 547 -25.59 -12.35 10.45
N TYR A 548 -26.35 -12.76 9.42
CA TYR A 548 -25.85 -13.08 8.05
C TYR A 548 -26.12 -11.90 7.12
N ARG A 549 -25.18 -11.62 6.22
CA ARG A 549 -25.31 -10.63 5.11
C ARG A 549 -24.58 -11.15 3.87
N LEU A 550 -25.04 -10.78 2.69
CA LEU A 550 -24.49 -11.19 1.37
C LEU A 550 -24.47 -9.97 0.46
N TRP A 551 -23.28 -9.53 0.06
CA TRP A 551 -23.08 -8.49 -0.97
C TRP A 551 -22.86 -9.17 -2.32
N THR A 552 -23.75 -8.93 -3.29
CA THR A 552 -23.70 -9.52 -4.66
C THR A 552 -23.20 -8.44 -5.63
N TYR A 553 -22.09 -8.71 -6.32
CA TYR A 553 -21.38 -7.79 -7.25
C TYR A 553 -21.76 -8.15 -8.68
N GLU A 554 -21.61 -7.20 -9.60
CA GLU A 554 -21.83 -7.44 -11.06
C GLU A 554 -20.54 -7.07 -11.81
N ASP A 555 -20.45 -7.47 -13.08
CA ASP A 555 -19.36 -7.05 -14.01
C ASP A 555 -19.38 -5.51 -14.05
N ASP A 556 -18.43 -4.87 -13.37
CA ASP A 556 -18.27 -3.40 -13.30
C ASP A 556 -16.82 -3.05 -13.67
N ARG A 557 -16.46 -1.76 -13.57
CA ARG A 557 -15.13 -1.21 -13.93
C ARG A 557 -14.01 -1.78 -13.04
N TYR A 558 -14.31 -2.51 -11.97
CA TYR A 558 -13.36 -2.88 -10.89
C TYR A 558 -13.20 -4.40 -10.75
N GLY A 559 -14.10 -5.20 -11.36
CA GLY A 559 -14.02 -6.66 -11.30
C GLY A 559 -15.18 -7.37 -11.96
N GLN A 560 -15.37 -8.65 -11.63
CA GLN A 560 -16.38 -9.55 -12.24
C GLN A 560 -17.57 -9.76 -11.29
N GLU A 561 -18.67 -10.28 -11.84
CA GLU A 561 -19.76 -10.93 -11.08
C GLU A 561 -19.15 -11.82 -9.99
N ALA A 562 -19.57 -11.64 -8.73
CA ALA A 562 -19.20 -12.52 -7.60
C ALA A 562 -20.10 -12.17 -6.41
N LYS A 563 -19.84 -12.75 -5.24
CA LYS A 563 -20.53 -12.38 -3.99
C LYS A 563 -19.63 -12.65 -2.78
N MET A 564 -19.80 -11.85 -1.72
CA MET A 564 -19.14 -12.04 -0.42
C MET A 564 -20.22 -12.32 0.64
N ALA A 565 -20.13 -13.49 1.29
CA ALA A 565 -20.99 -13.90 2.43
C ALA A 565 -20.26 -13.58 3.74
N ALA A 566 -20.97 -13.01 4.71
CA ALA A 566 -20.44 -12.68 6.06
C ALA A 566 -21.45 -13.12 7.12
N TRP A 567 -20.93 -13.64 8.25
CA TRP A 567 -21.68 -13.95 9.49
C TRP A 567 -20.98 -13.23 10.65
N VAL A 568 -21.74 -12.75 11.62
CA VAL A 568 -21.19 -12.08 12.83
C VAL A 568 -21.64 -12.84 14.08
N PHE A 569 -20.70 -13.16 14.97
CA PHE A 569 -20.94 -13.72 16.33
C PHE A 569 -20.52 -12.66 17.36
N PRO A 570 -21.09 -12.64 18.59
CA PRO A 570 -22.21 -13.50 18.99
C PRO A 570 -23.60 -12.98 18.57
N SER A 571 -24.40 -13.83 17.93
CA SER A 571 -25.78 -13.55 17.43
C SER A 571 -26.67 -13.02 18.55
N LYS A 572 -26.66 -13.72 19.69
CA LYS A 572 -27.66 -13.58 20.78
C LYS A 572 -27.39 -12.34 21.63
N GLU A 573 -26.16 -11.82 21.65
CA GLU A 573 -25.75 -10.66 22.50
C GLU A 573 -25.64 -9.37 21.66
N SER A 574 -25.93 -9.42 20.36
CA SER A 574 -25.73 -8.29 19.41
C SER A 574 -27.02 -8.00 18.67
N ILE A 575 -27.21 -6.74 18.26
CA ILE A 575 -28.27 -6.35 17.28
C ILE A 575 -27.58 -5.96 15.97
N PHE A 576 -28.27 -6.18 14.85
CA PHE A 576 -27.75 -6.00 13.48
C PHE A 576 -28.60 -4.95 12.77
N ILE A 577 -27.94 -3.91 12.28
CA ILE A 577 -28.58 -2.69 11.69
C ILE A 577 -28.07 -2.54 10.25
N ASP A 578 -28.95 -2.74 9.26
CA ASP A 578 -28.67 -2.33 7.86
C ASP A 578 -28.50 -0.81 7.86
N LYS A 579 -27.47 -0.32 7.17
CA LYS A 579 -27.24 1.13 6.93
C LYS A 579 -26.87 1.28 5.46
N GLU A 580 -26.59 2.52 5.03
CA GLU A 580 -26.24 2.84 3.62
C GLU A 580 -25.21 3.97 3.64
N GLY A 581 -24.07 3.74 2.99
CA GLY A 581 -22.96 4.70 2.90
C GLY A 581 -22.29 4.62 1.54
N GLU A 582 -21.65 5.71 1.12
CA GLU A 582 -20.97 5.79 -0.20
C GLU A 582 -19.68 4.97 -0.17
N VAL A 583 -19.25 4.53 -1.35
CA VAL A 583 -17.99 3.77 -1.61
C VAL A 583 -17.46 4.26 -2.95
N ASN A 584 -16.25 4.79 -3.00
CA ASN A 584 -15.70 5.40 -4.24
C ASN A 584 -14.23 4.99 -4.41
N TYR A 585 -13.94 4.31 -5.52
CA TYR A 585 -12.60 3.75 -5.85
C TYR A 585 -11.79 4.72 -6.73
N GLU A 586 -12.45 5.71 -7.36
CA GLU A 586 -11.81 6.72 -8.24
C GLU A 586 -12.71 7.97 -8.32
N ALA A 587 -12.12 9.13 -8.66
CA ALA A 587 -12.83 10.42 -8.71
C ALA A 587 -14.12 10.30 -9.54
N GLY A 588 -15.24 10.74 -8.98
CA GLY A 588 -16.53 10.92 -9.70
C GLY A 588 -17.44 9.71 -9.64
N ALA A 589 -16.93 8.54 -9.23
CA ALA A 589 -17.61 7.23 -9.41
C ALA A 589 -18.32 6.78 -8.12
N PHE A 590 -18.71 7.72 -7.28
CA PHE A 590 -19.32 7.45 -5.95
C PHE A 590 -20.76 6.96 -6.12
N ASN A 591 -21.21 6.11 -5.19
CA ASN A 591 -22.55 5.45 -5.16
C ASN A 591 -22.80 4.88 -3.75
N SER A 592 -24.06 4.80 -3.33
CA SER A 592 -24.47 4.27 -2.00
C SER A 592 -24.61 2.76 -2.07
N TYR A 593 -24.20 2.05 -1.00
CA TYR A 593 -24.32 0.59 -0.86
C TYR A 593 -24.59 0.23 0.60
N GLY A 594 -25.44 -0.77 0.82
CA GLY A 594 -25.76 -1.30 2.16
C GLY A 594 -24.50 -1.76 2.87
N TYR A 595 -24.35 -1.42 4.15
CA TYR A 595 -23.29 -1.96 5.05
C TYR A 595 -23.89 -2.28 6.41
N LEU A 596 -23.33 -3.28 7.09
CA LEU A 596 -23.83 -3.83 8.37
C LEU A 596 -23.23 -3.04 9.53
N ASN A 597 -24.05 -2.75 10.54
CA ASN A 597 -23.65 -2.22 11.87
C ASN A 597 -24.16 -3.25 12.89
N ALA A 598 -23.28 -4.16 13.33
CA ALA A 598 -23.50 -4.99 14.52
C ALA A 598 -23.11 -4.16 15.75
N ARG A 599 -23.83 -4.38 16.86
CA ARG A 599 -23.74 -3.54 18.08
C ARG A 599 -23.91 -4.42 19.32
N GLN A 600 -23.08 -4.16 20.32
CA GLN A 600 -23.21 -4.67 21.69
C GLN A 600 -23.08 -3.47 22.62
N ILE A 601 -23.64 -3.58 23.82
CA ILE A 601 -23.30 -2.75 24.99
C ILE A 601 -22.72 -3.70 26.04
N ALA A 602 -21.49 -3.42 26.46
CA ALA A 602 -20.66 -4.35 27.26
C ALA A 602 -19.42 -3.60 27.76
N LYS A 603 -18.63 -4.27 28.59
CA LYS A 603 -17.36 -3.74 29.17
C LYS A 603 -16.22 -4.45 28.43
N ASP A 604 -15.97 -5.71 28.79
CA ASP A 604 -15.06 -6.62 28.07
C ASP A 604 -15.92 -7.59 27.25
N THR A 605 -15.80 -7.58 25.93
CA THR A 605 -16.54 -8.53 25.05
C THR A 605 -15.74 -8.88 23.79
N MET A 606 -16.35 -9.68 22.92
CA MET A 606 -15.76 -10.23 21.68
C MET A 606 -16.78 -10.13 20.55
N PHE A 607 -16.28 -9.82 19.35
CA PHE A 607 -16.95 -10.09 18.06
C PHE A 607 -16.12 -11.12 17.28
N MET A 608 -16.78 -11.79 16.34
CA MET A 608 -16.11 -12.62 15.31
C MET A 608 -16.88 -12.44 14.01
N GLN A 609 -16.18 -12.11 12.92
CA GLN A 609 -16.73 -12.15 11.55
C GLN A 609 -16.17 -13.42 10.86
N ILE A 610 -17.03 -14.15 10.16
CA ILE A 610 -16.66 -15.13 9.11
C ILE A 610 -17.00 -14.48 7.77
N ILE A 611 -15.99 -14.25 6.91
CA ILE A 611 -16.15 -13.57 5.59
C ILE A 611 -15.62 -14.49 4.50
N VAL A 612 -16.48 -14.82 3.53
CA VAL A 612 -16.25 -15.89 2.52
C VAL A 612 -16.48 -15.32 1.11
N PRO A 613 -15.42 -15.03 0.34
CA PRO A 613 -15.57 -14.73 -1.09
C PRO A 613 -16.13 -15.97 -1.79
N LEU A 614 -17.03 -15.78 -2.76
CA LEU A 614 -17.70 -16.85 -3.54
C LEU A 614 -17.91 -16.38 -4.98
N SER A 615 -17.74 -17.27 -5.96
CA SER A 615 -18.14 -17.05 -7.37
C SER A 615 -19.66 -16.86 -7.41
N LYS A 616 -20.15 -16.15 -8.42
CA LYS A 616 -21.58 -15.77 -8.61
C LYS A 616 -22.52 -16.87 -8.09
N TYR A 617 -22.36 -18.14 -8.50
CA TYR A 617 -23.39 -19.20 -8.30
C TYR A 617 -22.94 -20.25 -7.28
N ALA A 618 -21.81 -20.04 -6.60
CA ALA A 618 -21.28 -20.94 -5.56
C ALA A 618 -22.31 -21.11 -4.42
N ASP A 619 -22.33 -22.28 -3.78
CA ASP A 619 -23.16 -22.56 -2.59
C ASP A 619 -22.73 -21.66 -1.43
N ILE A 620 -23.69 -21.12 -0.67
CA ILE A 620 -23.43 -20.42 0.61
C ILE A 620 -23.04 -21.48 1.63
N PRO A 621 -21.87 -21.35 2.30
CA PRO A 621 -21.49 -22.27 3.37
C PRO A 621 -22.52 -22.32 4.51
N GLU A 622 -22.61 -23.45 5.21
CA GLU A 622 -23.47 -23.64 6.42
C GLU A 622 -22.66 -23.20 7.65
N VAL A 623 -22.99 -22.01 8.17
CA VAL A 623 -22.33 -21.37 9.34
C VAL A 623 -23.29 -21.40 10.53
N VAL A 624 -22.83 -21.92 11.67
CA VAL A 624 -23.65 -22.10 12.90
C VAL A 624 -22.95 -21.38 14.06
N ASP A 625 -23.60 -20.36 14.63
CA ASP A 625 -23.11 -19.65 15.84
C ASP A 625 -23.22 -20.60 17.05
N LEU A 626 -22.11 -20.88 17.72
CA LEU A 626 -22.04 -21.73 18.94
C LEU A 626 -21.51 -20.90 20.11
N SER A 627 -21.64 -19.58 20.04
CA SER A 627 -21.20 -18.64 21.11
C SER A 627 -22.00 -18.95 22.40
N THR A 628 -21.36 -18.75 23.56
CA THR A 628 -21.98 -18.79 24.91
C THR A 628 -21.40 -17.62 25.72
N ASP A 629 -21.52 -17.67 27.05
CA ASP A 629 -21.10 -16.56 27.95
C ASP A 629 -19.65 -16.20 27.66
N ASP A 630 -18.73 -17.13 27.94
CA ASP A 630 -17.26 -16.87 27.98
C ASP A 630 -16.60 -17.19 26.62
N VAL A 631 -17.35 -17.77 25.67
CA VAL A 631 -16.77 -18.31 24.41
C VAL A 631 -17.57 -17.79 23.20
N VAL A 632 -16.88 -17.15 22.25
CA VAL A 632 -17.44 -16.71 20.94
C VAL A 632 -16.80 -17.57 19.84
N GLY A 633 -17.60 -18.04 18.89
CA GLY A 633 -17.14 -18.88 17.77
C GLY A 633 -18.28 -19.64 17.12
N GLY A 634 -17.95 -20.50 16.16
CA GLY A 634 -18.92 -21.32 15.41
C GLY A 634 -18.25 -22.34 14.51
N THR A 635 -19.02 -22.88 13.56
CA THR A 635 -18.55 -23.87 12.56
C THR A 635 -18.89 -23.36 11.17
N VAL A 636 -17.99 -23.59 10.23
CA VAL A 636 -18.18 -23.32 8.77
C VAL A 636 -18.07 -24.66 8.05
N VAL A 637 -19.09 -25.04 7.28
CA VAL A 637 -19.07 -26.23 6.40
C VAL A 637 -19.07 -25.73 4.95
N LYS A 638 -17.88 -25.71 4.35
CA LYS A 638 -17.62 -25.27 2.95
C LYS A 638 -16.87 -26.41 2.25
N ASP A 639 -17.27 -26.72 1.02
CA ASP A 639 -16.62 -27.75 0.16
C ASP A 639 -16.41 -29.03 0.99
N ASN A 640 -17.45 -29.49 1.68
CA ASN A 640 -17.55 -30.82 2.34
C ASN A 640 -16.61 -30.95 3.53
N GLU A 641 -15.90 -29.89 3.94
CA GLU A 641 -15.00 -29.87 5.12
C GLU A 641 -15.65 -29.00 6.21
N LYS A 642 -15.49 -29.35 7.49
CA LYS A 642 -15.99 -28.55 8.65
C LYS A 642 -14.84 -27.85 9.38
N ASP A 643 -14.82 -26.52 9.34
CA ASP A 643 -13.90 -25.67 10.15
C ASP A 643 -14.63 -25.23 11.43
N THR A 644 -13.90 -25.04 12.52
CA THR A 644 -14.42 -24.60 13.84
C THR A 644 -13.50 -23.49 14.38
N PHE A 645 -14.08 -22.34 14.72
CA PHE A 645 -13.38 -21.17 15.27
C PHE A 645 -13.84 -20.95 16.72
N MET A 646 -12.92 -20.50 17.57
CA MET A 646 -13.19 -20.29 19.01
C MET A 646 -12.30 -19.16 19.52
N GLN A 647 -12.90 -18.15 20.16
CA GLN A 647 -12.21 -17.05 20.86
C GLN A 647 -12.70 -16.99 22.31
N GLN A 648 -11.82 -16.62 23.24
CA GLN A 648 -12.19 -16.20 24.61
C GLN A 648 -11.19 -15.14 25.08
N LEU A 649 -11.44 -14.54 26.25
CA LEU A 649 -10.69 -13.35 26.73
C LEU A 649 -9.58 -13.80 27.69
N ASN A 650 -9.66 -15.04 28.20
CA ASN A 650 -8.75 -15.56 29.27
C ASN A 650 -8.29 -16.97 28.93
N ASN A 651 -7.13 -17.35 29.46
CA ASN A 651 -6.59 -18.74 29.41
C ASN A 651 -7.34 -19.59 30.43
N ALA A 652 -8.52 -20.06 30.05
CA ALA A 652 -9.39 -20.95 30.86
C ALA A 652 -9.92 -22.07 29.96
N GLU A 653 -9.93 -23.31 30.46
CA GLU A 653 -10.39 -24.49 29.70
C GLU A 653 -11.88 -24.30 29.39
N ASN A 654 -12.24 -24.31 28.11
CA ASN A 654 -13.64 -24.13 27.64
C ASN A 654 -13.82 -24.93 26.36
N SER A 655 -15.05 -25.07 25.89
CA SER A 655 -15.42 -25.93 24.74
C SER A 655 -16.36 -25.19 23.80
N LEU A 656 -16.21 -25.47 22.50
CA LEU A 656 -17.12 -25.00 21.42
C LEU A 656 -17.03 -26.02 20.29
N GLY A 657 -18.17 -26.51 19.82
CA GLY A 657 -18.23 -27.69 18.93
C GLY A 657 -17.30 -28.78 19.45
N ASP A 658 -16.39 -29.27 18.62
CA ASP A 658 -15.53 -30.43 18.94
C ASP A 658 -14.25 -29.95 19.64
N ILE A 659 -13.99 -28.64 19.68
CA ILE A 659 -12.77 -28.05 20.32
C ILE A 659 -12.95 -28.05 21.84
N THR A 660 -11.86 -28.26 22.55
CA THR A 660 -11.68 -28.01 24.01
C THR A 660 -10.25 -27.50 24.21
N THR A 661 -10.08 -26.26 24.67
CA THR A 661 -8.74 -25.63 24.78
C THR A 661 -8.74 -24.54 25.85
N ASP A 662 -7.56 -24.12 26.30
CA ASP A 662 -7.38 -22.92 27.16
C ASP A 662 -6.91 -21.74 26.28
N ALA A 663 -6.86 -21.94 24.97
CA ALA A 663 -6.32 -20.93 24.01
C ALA A 663 -7.33 -19.80 23.83
N THR A 664 -6.84 -18.56 23.76
CA THR A 664 -7.63 -17.33 23.51
C THR A 664 -8.16 -17.33 22.06
N PHE A 665 -7.55 -18.09 21.17
CA PHE A 665 -8.11 -18.38 19.82
C PHE A 665 -7.71 -19.80 19.40
N ALA A 666 -8.60 -20.48 18.68
CA ALA A 666 -8.38 -21.85 18.17
C ALA A 666 -9.13 -22.02 16.84
N TYR A 667 -8.42 -22.52 15.83
CA TYR A 667 -8.95 -22.94 14.51
C TYR A 667 -8.72 -24.44 14.38
N THR A 668 -9.65 -25.15 13.72
CA THR A 668 -9.51 -26.58 13.34
C THR A 668 -10.17 -26.80 11.97
N ASN A 669 -9.56 -27.66 11.16
CA ASN A 669 -10.06 -28.10 9.83
C ASN A 669 -10.25 -29.62 9.88
N GLU A 670 -11.37 -30.11 9.33
CA GLU A 670 -11.63 -31.56 9.06
C GLU A 670 -11.55 -31.80 7.55
N ASN A 671 -11.42 -33.06 7.14
CA ASN A 671 -11.58 -33.48 5.73
C ASN A 671 -12.99 -34.06 5.56
N SER A 672 -13.35 -34.47 4.34
CA SER A 672 -14.61 -35.17 4.01
C SER A 672 -14.93 -36.23 5.08
N ASN A 673 -13.90 -36.83 5.68
CA ASN A 673 -14.02 -38.04 6.55
C ASN A 673 -14.20 -37.67 8.03
N ASN A 674 -14.26 -36.38 8.36
CA ASN A 674 -14.45 -35.89 9.76
C ASN A 674 -13.24 -36.27 10.62
N GLU A 675 -12.05 -36.27 10.02
CA GLU A 675 -10.74 -36.39 10.72
C GLU A 675 -10.10 -35.00 10.78
N LEU A 676 -9.60 -34.60 11.95
CA LEU A 676 -8.82 -33.34 12.13
C LEU A 676 -7.60 -33.38 11.17
N GLN A 677 -7.45 -32.35 10.33
CA GLN A 677 -6.38 -32.24 9.30
C GLN A 677 -5.39 -31.11 9.66
N HIS A 678 -5.93 -29.92 9.95
CA HIS A 678 -5.14 -28.72 10.34
C HIS A 678 -5.68 -28.15 11.65
N PHE A 679 -4.87 -27.39 12.38
CA PHE A 679 -5.29 -26.65 13.59
C PHE A 679 -4.27 -25.55 13.92
N SER A 680 -4.76 -24.46 14.52
CA SER A 680 -3.94 -23.35 15.06
C SER A 680 -4.49 -22.93 16.42
N VAL A 681 -3.63 -22.42 17.30
CA VAL A 681 -4.01 -21.89 18.64
C VAL A 681 -3.22 -20.61 18.91
N ARG A 682 -3.85 -19.68 19.60
CA ARG A 682 -3.20 -18.49 20.24
C ARG A 682 -3.04 -18.78 21.73
N GLN A 683 -1.80 -18.87 22.21
CA GLN A 683 -1.46 -18.93 23.66
C GLN A 683 -2.26 -20.05 24.34
N GLY A 684 -2.20 -21.26 23.79
CA GLY A 684 -2.76 -22.48 24.39
C GLY A 684 -1.69 -23.29 25.12
N THR A 685 -2.13 -24.15 26.06
CA THR A 685 -1.30 -25.19 26.72
C THR A 685 -1.98 -26.56 26.53
N SER A 686 -3.06 -26.62 25.75
CA SER A 686 -3.76 -27.88 25.43
C SER A 686 -4.81 -27.63 24.36
N LEU A 687 -5.05 -28.65 23.52
CA LEU A 687 -6.20 -28.73 22.58
C LEU A 687 -6.68 -30.17 22.54
N ASP A 688 -7.99 -30.37 22.63
CA ASP A 688 -8.66 -31.68 22.42
C ASP A 688 -9.65 -31.51 21.26
N TYR A 689 -9.80 -32.54 20.43
CA TYR A 689 -10.77 -32.54 19.30
C TYR A 689 -11.58 -33.82 19.36
N LYS A 690 -12.90 -33.68 19.53
CA LYS A 690 -13.85 -34.78 19.82
C LYS A 690 -13.40 -35.56 21.07
N GLY A 691 -12.79 -34.86 22.04
CA GLY A 691 -12.37 -35.42 23.34
C GLY A 691 -10.96 -35.99 23.32
N GLU A 692 -10.33 -36.07 22.14
CA GLU A 692 -8.96 -36.64 21.95
C GLU A 692 -7.93 -35.51 22.03
N ASN A 693 -6.96 -35.59 22.95
CA ASN A 693 -5.85 -34.61 23.10
C ASN A 693 -5.00 -34.63 21.83
N ILE A 694 -4.66 -33.45 21.32
CA ILE A 694 -3.83 -33.23 20.09
C ILE A 694 -2.44 -32.77 20.51
N PHE A 695 -2.35 -31.91 21.53
CA PHE A 695 -1.08 -31.40 22.09
C PHE A 695 -1.29 -30.91 23.51
N VAL A 696 -0.19 -30.74 24.25
CA VAL A 696 -0.12 -30.00 25.54
C VAL A 696 1.24 -29.33 25.63
N SER A 697 1.38 -28.28 26.44
CA SER A 697 2.65 -27.58 26.69
C SER A 697 2.73 -27.15 28.15
N ASN A 698 3.94 -27.02 28.69
CA ASN A 698 4.18 -26.55 30.08
C ASN A 698 3.91 -25.03 30.15
N LYS A 699 3.92 -24.33 29.01
CA LYS A 699 3.66 -22.86 28.94
C LYS A 699 2.79 -22.53 27.74
N PRO A 700 2.18 -21.33 27.68
CA PRO A 700 1.34 -20.95 26.55
C PRO A 700 2.18 -20.81 25.26
N ILE A 701 1.73 -21.45 24.19
CA ILE A 701 2.40 -21.43 22.86
C ILE A 701 1.36 -21.07 21.79
N THR A 702 1.76 -20.27 20.82
CA THR A 702 1.00 -19.96 19.59
C THR A 702 1.65 -20.70 18.42
N PHE A 703 0.91 -21.60 17.76
CA PHE A 703 1.41 -22.36 16.57
C PHE A 703 0.24 -22.90 15.74
N ALA A 704 0.55 -23.22 14.48
CA ALA A 704 -0.33 -23.86 13.49
C ALA A 704 0.35 -25.16 13.05
N LEU A 705 -0.42 -26.22 12.83
CA LEU A 705 0.15 -27.55 12.45
C LEU A 705 -0.77 -28.26 11.45
N ASP A 706 -0.15 -28.79 10.39
CA ASP A 706 -0.78 -29.65 9.34
C ASP A 706 -0.48 -31.12 9.71
N ILE A 707 -1.52 -31.90 9.95
CA ILE A 707 -1.40 -33.30 10.45
C ILE A 707 -2.10 -34.25 9.48
N SER A 708 -2.25 -33.83 8.21
CA SER A 708 -2.92 -34.62 7.15
C SER A 708 -1.97 -35.72 6.63
N ASP A 709 -0.67 -35.43 6.59
CA ASP A 709 0.39 -36.42 6.27
C ASP A 709 0.86 -37.08 7.57
N GLU A 710 0.76 -38.42 7.66
CA GLU A 710 1.09 -39.21 8.88
C GLU A 710 2.58 -39.57 8.90
N THR A 711 3.32 -39.24 7.83
CA THR A 711 4.80 -39.41 7.72
C THR A 711 5.50 -38.12 8.18
N GLN A 712 4.80 -36.98 8.15
CA GLN A 712 5.36 -35.65 8.49
C GLN A 712 4.25 -34.68 8.93
N TYR A 713 4.33 -34.21 10.18
CA TYR A 713 3.60 -33.02 10.68
C TYR A 713 4.45 -31.79 10.35
N LYS A 714 3.84 -30.79 9.71
CA LYS A 714 4.53 -29.54 9.28
C LYS A 714 3.65 -28.33 9.63
N GLY A 715 4.30 -27.22 10.01
CA GLY A 715 3.65 -25.94 10.29
C GLY A 715 4.67 -24.91 10.73
N THR A 716 4.27 -24.00 11.61
CA THR A 716 5.12 -22.91 12.15
C THR A 716 4.72 -22.67 13.61
N ILE A 717 5.67 -22.15 14.40
CA ILE A 717 5.48 -21.69 15.81
C ILE A 717 5.77 -20.19 15.81
N ALA A 718 4.84 -19.37 16.30
CA ALA A 718 5.02 -17.90 16.38
C ALA A 718 6.15 -17.59 17.36
N ALA A 719 6.74 -16.38 17.27
CA ALA A 719 7.88 -15.92 18.09
C ALA A 719 7.68 -16.35 19.55
N LEU A 720 8.78 -16.62 20.27
CA LEU A 720 8.76 -17.12 21.68
C LEU A 720 9.66 -16.25 22.56
N ASN A 721 9.17 -15.87 23.75
CA ASN A 721 9.89 -15.06 24.77
C ASN A 721 10.85 -15.96 25.57
N GLU A 722 10.45 -17.23 25.75
CA GLU A 722 11.05 -18.18 26.73
C GLU A 722 10.89 -19.62 26.22
N THR A 723 11.65 -20.56 26.77
CA THR A 723 11.65 -21.99 26.36
C THR A 723 10.33 -22.64 26.80
N VAL A 724 9.70 -23.37 25.88
CA VAL A 724 8.39 -24.07 26.05
C VAL A 724 8.64 -25.55 25.79
N GLU A 725 8.21 -26.44 26.69
CA GLU A 725 8.14 -27.90 26.40
C GLU A 725 6.80 -28.20 25.71
N LEU A 726 6.82 -28.33 24.38
CA LEU A 726 5.65 -28.71 23.55
C LEU A 726 5.61 -30.23 23.42
N ARG A 727 4.42 -30.83 23.45
CA ARG A 727 4.20 -32.31 23.33
C ARG A 727 3.05 -32.55 22.35
N VAL A 728 3.37 -33.01 21.14
CA VAL A 728 2.40 -33.26 20.05
C VAL A 728 2.15 -34.76 19.95
N LYS A 729 0.88 -35.18 19.82
CA LYS A 729 0.51 -36.62 19.74
C LYS A 729 0.85 -37.15 18.35
N ASN A 730 1.65 -38.22 18.29
CA ASN A 730 2.06 -38.94 17.05
C ASN A 730 0.84 -39.69 16.52
N PRO A 731 0.76 -40.00 15.20
CA PRO A 731 -0.22 -40.96 14.71
C PRO A 731 -0.01 -42.25 15.49
N VAL A 732 -1.04 -43.08 15.64
CA VAL A 732 -1.04 -44.24 16.58
C VAL A 732 -0.06 -45.30 16.05
N GLY A 733 0.90 -45.71 16.89
CA GLY A 733 1.87 -46.80 16.63
C GLY A 733 2.94 -46.39 15.62
N VAL A 734 3.34 -45.12 15.62
CA VAL A 734 4.35 -44.54 14.68
C VAL A 734 5.44 -43.86 15.49
N PRO A 735 6.74 -44.12 15.22
CA PRO A 735 7.83 -43.46 15.93
C PRO A 735 8.20 -42.10 15.31
N THR A 736 8.88 -41.26 16.08
CA THR A 736 9.45 -39.97 15.61
C THR A 736 10.90 -40.21 15.20
N GLU A 737 11.29 -39.80 13.98
CA GLU A 737 12.66 -39.99 13.43
C GLU A 737 13.53 -38.74 13.63
N SER A 738 12.99 -37.55 13.38
CA SER A 738 13.66 -36.24 13.65
C SER A 738 12.62 -35.12 13.82
N VAL A 739 13.04 -34.03 14.46
CA VAL A 739 12.26 -32.76 14.54
C VAL A 739 13.17 -31.62 14.08
N VAL A 740 12.70 -30.83 13.09
CA VAL A 740 13.43 -29.70 12.44
C VAL A 740 12.66 -28.39 12.68
N VAL A 741 13.31 -27.44 13.34
CA VAL A 741 12.83 -26.04 13.56
C VAL A 741 13.89 -25.10 13.00
N ASN A 742 13.57 -24.38 11.91
CA ASN A 742 14.49 -23.45 11.19
C ASN A 742 15.63 -24.24 10.55
N GLY A 743 15.30 -25.33 9.82
CA GLY A 743 16.26 -26.16 9.06
C GLY A 743 17.31 -26.86 9.92
N GLU A 744 17.23 -26.73 11.25
CA GLU A 744 18.13 -27.36 12.25
C GLU A 744 17.39 -28.52 12.94
N ASN A 745 18.06 -29.64 13.19
CA ASN A 745 17.57 -30.69 14.12
C ASN A 745 17.48 -30.11 15.53
N ILE A 746 16.44 -30.45 16.28
CA ILE A 746 16.35 -30.18 17.73
C ILE A 746 16.09 -31.51 18.44
N GLU A 747 16.49 -31.59 19.71
CA GLU A 747 16.42 -32.81 20.55
C GLU A 747 14.95 -33.14 20.82
N PHE A 748 14.58 -34.42 20.64
CA PHE A 748 13.21 -34.93 20.87
C PHE A 748 13.27 -36.27 21.60
N SER A 749 12.34 -36.49 22.54
CA SER A 749 11.99 -37.82 23.11
C SER A 749 10.53 -38.13 22.76
N VAL A 750 10.14 -39.40 22.85
CA VAL A 750 8.75 -39.88 22.62
C VAL A 750 8.27 -40.57 23.90
N GLU A 751 7.25 -40.02 24.55
CA GLU A 751 6.68 -40.52 25.84
C GLU A 751 5.17 -40.66 25.68
N ASP A 752 4.65 -41.90 25.75
CA ASP A 752 3.21 -42.23 25.72
C ASP A 752 2.61 -41.86 24.37
N GLY A 753 3.39 -41.93 23.28
CA GLY A 753 2.93 -41.65 21.91
C GLY A 753 2.90 -40.17 21.58
N TYR A 754 3.72 -39.36 22.28
CA TYR A 754 3.86 -37.89 22.11
C TYR A 754 5.32 -37.51 21.85
N THR A 755 5.61 -36.86 20.72
CA THR A 755 6.90 -36.18 20.45
C THR A 755 7.08 -35.03 21.44
N VAL A 756 8.20 -34.97 22.16
CA VAL A 756 8.44 -34.03 23.29
C VAL A 756 9.68 -33.18 23.00
N ILE A 757 9.51 -31.88 22.80
CA ILE A 757 10.60 -30.96 22.38
C ILE A 757 10.59 -29.70 23.26
N GLN A 758 11.77 -29.25 23.65
CA GLN A 758 12.03 -27.87 24.16
C GLN A 758 12.22 -26.96 22.93
N VAL A 759 11.37 -25.94 22.75
CA VAL A 759 11.51 -24.93 21.66
C VAL A 759 11.81 -23.58 22.31
N ALA A 760 12.96 -22.97 21.98
CA ALA A 760 13.48 -21.72 22.59
C ALA A 760 13.31 -20.54 21.63
N GLU A 761 13.09 -20.83 20.34
CA GLU A 761 12.71 -19.82 19.31
C GLU A 761 11.70 -20.44 18.36
N GLY A 762 10.85 -19.61 17.76
CA GLY A 762 9.79 -20.02 16.83
C GLY A 762 10.34 -20.24 15.43
N GLY A 763 9.46 -20.50 14.46
CA GLY A 763 9.81 -20.71 13.05
C GLY A 763 9.12 -21.94 12.53
N ASP A 764 9.39 -22.31 11.27
CA ASP A 764 8.80 -23.51 10.63
C ASP A 764 9.28 -24.77 11.37
N ILE A 765 8.38 -25.73 11.59
CA ILE A 765 8.65 -27.00 12.30
C ILE A 765 8.21 -28.16 11.41
N ASN A 766 9.09 -29.14 11.21
CA ASN A 766 8.76 -30.49 10.67
C ASN A 766 8.97 -31.51 11.78
N ILE A 767 7.95 -32.33 12.06
CA ILE A 767 8.05 -33.56 12.89
C ILE A 767 8.02 -34.75 11.91
N ASN A 768 9.18 -35.39 11.71
CA ASN A 768 9.39 -36.46 10.70
C ASN A 768 9.21 -37.81 11.40
N PHE A 769 8.33 -38.67 10.85
CA PHE A 769 7.88 -39.95 11.45
C PHE A 769 8.32 -41.13 10.56
N GLY A 770 8.65 -42.27 11.18
CA GLY A 770 8.90 -43.55 10.50
C GLY A 770 7.63 -44.34 10.29
N GLU A 771 7.73 -45.67 10.20
CA GLU A 771 6.59 -46.61 10.05
C GLU A 771 6.69 -47.70 11.11
C1 BEM B . -2.30 23.63 7.53
C2 BEM B . -3.74 23.88 7.15
O2 BEM B . -4.00 25.28 7.05
C3 BEM B . -4.10 23.21 5.84
O3 BEM B . -5.29 23.84 5.35
C4 BEM B . -2.99 23.31 4.78
O4 BEM B . -2.97 22.05 4.10
C5 BEM B . -1.56 23.38 5.35
O5 BEM B . -1.49 24.20 6.51
C6 BEM B . -0.55 23.79 4.30
O6B BEM B . -0.89 24.44 3.35
O6A BEM B . 0.60 23.42 4.41
O1 BEM B . -2.02 24.15 8.78
C1 BEM B . -3.03 21.99 2.70
C2 BEM B . -2.65 20.55 2.37
O2 BEM B . -3.14 19.68 3.39
C3 BEM B . -3.13 20.09 1.00
O3 BEM B . -3.00 18.67 0.95
C4 BEM B . -4.57 20.53 0.73
O4 BEM B . -4.97 20.28 -0.63
C5 BEM B . -4.69 22.04 0.95
O5 BEM B . -4.35 22.35 2.30
C6 BEM B . -6.10 22.56 0.66
O6B BEM B . -7.03 22.25 1.38
O6A BEM B . -6.31 23.27 -0.31
C1 BEM B . -4.88 18.98 -1.14
C2 BEM B . -5.59 18.92 -2.49
O2 BEM B . -6.63 19.88 -2.57
C3 BEM B . -4.56 19.15 -3.59
O3 BEM B . -3.92 20.41 -3.37
C4 BEM B . -3.53 18.04 -3.61
C5 BEM B . -3.20 17.61 -2.19
O5 BEM B . -3.51 18.65 -1.25
C6 BEM B . -1.74 17.28 -1.95
O6B BEM B . -1.44 16.63 -0.98
O6A BEM B . -0.90 17.68 -2.70
MN MN C . -10.85 5.63 3.87
CA CA D . -5.28 5.87 8.93
CA CA E . 0.53 -18.55 3.61
C ACT F . -5.18 18.93 -11.13
O ACT F . -3.99 19.27 -11.09
OXT ACT F . -5.74 18.55 -12.18
CH3 ACT F . -6.01 18.98 -9.84
MG MG G . -0.51 26.39 -2.21
#